data_7M15
#
_entry.id   7M15
#
_cell.length_a   136.409
_cell.length_b   81.569
_cell.length_c   109.453
_cell.angle_alpha   90.000
_cell.angle_beta   94.380
_cell.angle_gamma   90.000
#
_symmetry.space_group_name_H-M   'C 1 2 1'
#
loop_
_entity.id
_entity.type
_entity.pdbx_description
1 polymer GDP-D-glycero-L-gluco-heptose
2 non-polymer '[(2R,3S,4R,5R)-5-(2-amino-6-oxo-1,6-dihydro-9H-purin-9-yl)-3,4-dihydroxyoxolan-2-yl]methyl (2R,3S,4R,5R,6S)-6-[(1R)-1,2-dihydroxyethyl]-3,4,5-trihydroxyoxan-2-yl dihydrogen diphosphate (non-preferred name)'
3 non-polymer 1,2-ETHANEDIOL
4 water water
#
_entity_poly.entity_id   1
_entity_poly.type   'polypeptide(L)'
_entity_poly.pdbx_seq_one_letter_code
;GGGHMAIEFDIQESKILKGVYIITPNKFRDLRGEIWTAFTDEYLSKLVPDGIKFKHDKFINSHFNVLRGIHGDVKTYKLV
TCVYGEVHQVVVDCRKDSPTYLKWEKFIISYKNQQLILLPPNMGNSHYVSSAAAVYYYKLAYEGEYMDAPDQFTYAWNDE
RIGIDWPTNTPILSDRDILATKNKG
;
_entity_poly.pdbx_strand_id   A,B,C,D,E,F
#
loop_
_chem_comp.id
_chem_comp.type
_chem_comp.name
_chem_comp.formula
EDO non-polymer 1,2-ETHANEDIOL 'C2 H6 O2'
YO7 non-polymer '[(2R,3S,4R,5R)-5-(2-amino-6-oxo-1,6-dihydro-9H-purin-9-yl)-3,4-dihydroxyoxolan-2-yl]methyl (2R,3S,4R,5R,6S)-6-[(1R)-1,2-dihydroxyethyl]-3,4,5-trihydroxyoxan-2-yl dihydrogen diphosphate (non-preferred name)' 'C17 H27 N5 O17 P2'
#
# COMPACT_ATOMS: atom_id res chain seq x y z
N HIS A 4 5.55 33.63 4.22
CA HIS A 4 6.00 32.53 5.14
C HIS A 4 5.39 32.75 6.52
N MET A 5 4.96 31.65 7.14
CA MET A 5 4.26 31.63 8.45
C MET A 5 5.24 31.40 9.60
N ALA A 6 5.05 32.15 10.69
CA ALA A 6 5.62 31.85 12.02
C ALA A 6 4.81 30.71 12.67
N ILE A 7 5.51 29.76 13.28
CA ILE A 7 4.90 28.69 14.13
C ILE A 7 4.11 29.39 15.22
N GLU A 8 2.83 29.11 15.41
CA GLU A 8 2.04 29.67 16.54
C GLU A 8 1.29 28.54 17.24
N PHE A 9 1.02 28.76 18.53
CA PHE A 9 0.15 27.90 19.38
C PHE A 9 -0.82 28.82 20.12
N ASP A 10 -2.11 28.64 19.92
CA ASP A 10 -3.15 29.09 20.88
C ASP A 10 -3.17 28.09 22.05
N ILE A 11 -2.94 28.57 23.26
CA ILE A 11 -2.88 27.74 24.50
C ILE A 11 -3.96 28.24 25.45
N GLN A 12 -4.98 27.42 25.71
CA GLN A 12 -6.13 27.72 26.63
C GLN A 12 -6.17 26.71 27.77
N GLU A 13 -6.53 27.14 28.97
CA GLU A 13 -6.86 26.17 30.05
C GLU A 13 -8.32 25.74 29.91
N SER A 14 -8.62 24.46 30.13
CA SER A 14 -10.01 23.96 30.22
C SER A 14 -10.77 24.82 31.22
N LYS A 15 -12.06 25.02 31.00
CA LYS A 15 -12.95 25.75 31.93
C LYS A 15 -13.59 24.72 32.88
N ILE A 16 -13.40 23.42 32.62
CA ILE A 16 -14.07 22.32 33.38
C ILE A 16 -13.05 21.65 34.31
N LEU A 17 -11.88 21.30 33.80
CA LEU A 17 -10.83 20.54 34.55
C LEU A 17 -9.55 21.39 34.64
N LYS A 18 -9.23 21.86 35.86
CA LYS A 18 -8.02 22.69 36.11
C LYS A 18 -6.75 21.90 35.81
N GLY A 19 -5.77 22.53 35.16
CA GLY A 19 -4.49 21.93 34.75
C GLY A 19 -4.59 21.12 33.46
N VAL A 20 -5.75 21.08 32.78
CA VAL A 20 -5.87 20.51 31.42
C VAL A 20 -5.85 21.67 30.41
N TYR A 21 -4.94 21.63 29.44
CA TYR A 21 -4.76 22.73 28.45
C TYR A 21 -5.11 22.21 27.05
N ILE A 22 -5.68 23.11 26.26
CA ILE A 22 -6.06 22.85 24.85
C ILE A 22 -5.15 23.71 23.98
N ILE A 23 -4.25 23.06 23.25
CA ILE A 23 -3.25 23.74 22.39
C ILE A 23 -3.67 23.57 20.92
N THR A 24 -3.84 24.69 20.24
CA THR A 24 -4.23 24.73 18.81
C THR A 24 -3.07 25.32 18.03
N PRO A 25 -2.45 24.53 17.13
CA PRO A 25 -1.36 25.04 16.31
C PRO A 25 -2.00 25.78 15.14
N ASN A 26 -1.24 26.63 14.48
CA ASN A 26 -1.62 27.16 13.15
C ASN A 26 -1.10 26.14 12.13
N LYS A 27 -1.54 26.23 10.88
CA LYS A 27 -1.13 25.31 9.79
C LYS A 27 -0.87 26.14 8.55
N PHE A 28 0.14 25.75 7.79
CA PHE A 28 0.33 26.20 6.39
C PHE A 28 -0.45 25.26 5.47
N ARG A 29 -1.48 25.80 4.84
CA ARG A 29 -2.38 25.02 3.93
C ARG A 29 -2.12 25.47 2.51
N ASP A 30 -1.88 24.53 1.61
CA ASP A 30 -1.68 24.83 0.18
C ASP A 30 -2.33 23.71 -0.63
N LEU A 31 -2.06 23.71 -1.91
CA LEU A 31 -2.65 22.75 -2.89
C LEU A 31 -2.33 21.30 -2.51
N ARG A 32 -1.27 21.08 -1.73
CA ARG A 32 -0.75 19.73 -1.42
C ARG A 32 -1.43 19.14 -0.18
N GLY A 33 -2.00 19.98 0.68
CA GLY A 33 -2.40 19.59 2.03
C GLY A 33 -1.86 20.56 3.04
N GLU A 34 -1.29 20.09 4.14
CA GLU A 34 -0.95 21.01 5.28
C GLU A 34 0.35 20.61 5.97
N ILE A 35 0.95 21.59 6.63
CA ILE A 35 2.19 21.42 7.44
C ILE A 35 1.92 22.14 8.76
N TRP A 36 2.33 21.53 9.86
CA TRP A 36 2.08 22.11 11.18
C TRP A 36 2.98 21.44 12.20
N THR A 37 3.27 22.22 13.24
CA THR A 37 4.13 21.84 14.38
C THR A 37 3.23 21.39 15.54
N ALA A 38 3.44 20.18 16.02
CA ALA A 38 2.71 19.62 17.17
C ALA A 38 3.41 20.00 18.47
N PHE A 39 4.73 20.16 18.42
CA PHE A 39 5.55 20.36 19.63
C PHE A 39 6.86 21.06 19.28
N THR A 40 7.23 22.02 20.14
CA THR A 40 8.64 22.43 20.32
C THR A 40 8.95 22.48 21.81
N ASP A 41 10.21 22.21 22.16
CA ASP A 41 10.66 22.29 23.57
C ASP A 41 10.41 23.73 24.04
N GLU A 42 10.74 24.74 23.23
CA GLU A 42 10.58 26.16 23.63
C GLU A 42 9.13 26.42 24.11
N TYR A 43 8.14 26.33 23.22
CA TYR A 43 6.74 26.76 23.47
C TYR A 43 6.11 25.86 24.53
N LEU A 44 6.35 24.55 24.49
CA LEU A 44 5.45 23.59 25.19
C LEU A 44 6.15 22.94 26.40
N SER A 45 7.47 23.00 26.53
CA SER A 45 8.15 22.50 27.77
C SER A 45 7.70 23.32 29.00
N LYS A 46 7.29 24.58 28.84
CA LYS A 46 6.83 25.48 29.95
C LYS A 46 5.49 25.04 30.56
N LEU A 47 4.83 24.01 30.02
CA LEU A 47 3.46 23.60 30.46
C LEU A 47 3.55 22.39 31.39
N VAL A 48 4.77 21.93 31.65
CA VAL A 48 5.04 20.87 32.67
C VAL A 48 6.11 21.41 33.61
N PRO A 49 6.24 20.85 34.84
CA PRO A 49 7.30 21.28 35.74
C PRO A 49 8.69 21.25 35.10
N ASP A 50 9.59 22.11 35.59
CA ASP A 50 11.06 22.05 35.34
C ASP A 50 11.57 20.64 35.64
N GLY A 51 12.45 20.12 34.78
CA GLY A 51 13.10 18.81 34.98
C GLY A 51 12.25 17.64 34.50
N ILE A 52 11.04 17.89 34.01
CA ILE A 52 10.16 16.83 33.41
C ILE A 52 10.09 17.08 31.91
N LYS A 53 10.64 16.16 31.12
CA LYS A 53 10.89 16.34 29.66
C LYS A 53 10.03 15.39 28.85
N PHE A 54 9.36 15.90 27.81
CA PHE A 54 8.72 15.07 26.75
C PHE A 54 9.84 14.28 26.05
N LYS A 55 9.87 12.97 26.24
CA LYS A 55 11.02 12.15 25.79
C LYS A 55 10.53 10.90 25.08
N HIS A 56 9.25 10.82 24.73
CA HIS A 56 8.63 9.56 24.27
C HIS A 56 7.43 9.86 23.36
N ASP A 57 7.50 9.34 22.14
CA ASP A 57 6.53 9.59 21.05
C ASP A 57 5.89 8.26 20.68
N LYS A 58 4.55 8.25 20.68
CA LYS A 58 3.76 7.04 20.41
C LYS A 58 2.69 7.34 19.35
N PHE A 59 2.43 6.33 18.53
CA PHE A 59 1.32 6.30 17.55
C PHE A 59 0.42 5.11 17.85
N ILE A 60 -0.87 5.39 17.85
CA ILE A 60 -1.93 4.38 18.12
C ILE A 60 -2.90 4.45 16.96
N ASN A 61 -2.91 3.41 16.13
CA ASN A 61 -3.78 3.24 14.94
C ASN A 61 -4.93 2.33 15.37
N SER A 62 -6.18 2.77 15.22
CA SER A 62 -7.35 1.98 15.65
C SER A 62 -8.43 2.00 14.55
N HIS A 63 -9.21 0.93 14.48
CA HIS A 63 -10.38 0.79 13.58
C HIS A 63 -11.49 1.66 14.11
N PHE A 64 -12.40 2.03 13.22
CA PHE A 64 -13.79 2.42 13.53
C PHE A 64 -14.30 1.63 14.72
N ASN A 65 -14.87 2.35 15.67
CA ASN A 65 -15.67 1.78 16.79
C ASN A 65 -14.75 1.26 17.89
N VAL A 66 -13.43 1.43 17.79
CA VAL A 66 -12.53 1.16 18.94
C VAL A 66 -12.70 2.27 19.98
N LEU A 67 -12.80 1.84 21.24
CA LEU A 67 -12.72 2.69 22.44
C LEU A 67 -11.56 2.15 23.29
N ARG A 68 -10.61 3.02 23.57
CA ARG A 68 -9.45 2.74 24.45
C ARG A 68 -9.61 3.63 25.66
N GLY A 69 -9.70 3.02 26.84
CA GLY A 69 -9.72 3.75 28.13
C GLY A 69 -10.62 3.05 29.16
N ILE A 70 -10.84 3.70 30.30
CA ILE A 70 -10.24 4.97 30.66
C ILE A 70 -8.94 4.67 31.40
N HIS A 71 -7.81 5.29 31.01
CA HIS A 71 -6.47 4.90 31.50
C HIS A 71 -5.68 6.10 32.05
N GLY A 72 -4.89 5.84 33.09
CA GLY A 72 -3.97 6.83 33.66
C GLY A 72 -2.86 6.19 34.48
N ASP A 73 -1.91 7.01 34.90
CA ASP A 73 -0.85 6.55 35.84
C ASP A 73 -0.42 7.76 36.65
N VAL A 74 0.36 7.52 37.70
CA VAL A 74 0.66 8.55 38.72
C VAL A 74 1.77 9.52 38.24
N LYS A 75 2.48 9.28 37.14
CA LYS A 75 3.64 10.18 36.88
C LYS A 75 3.72 10.73 35.45
N THR A 76 2.84 10.36 34.52
CA THR A 76 3.05 10.70 33.10
C THR A 76 2.19 11.91 32.73
N TYR A 77 2.84 12.98 32.27
CA TYR A 77 2.21 14.10 31.52
C TYR A 77 2.07 13.68 30.06
N LYS A 78 0.92 13.97 29.46
CA LYS A 78 0.55 13.49 28.12
C LYS A 78 0.11 14.67 27.25
N LEU A 79 0.61 14.74 26.04
CA LEU A 79 0.14 15.62 24.96
C LEU A 79 -0.45 14.72 23.86
N VAL A 80 -1.75 14.83 23.58
CA VAL A 80 -2.47 13.90 22.67
C VAL A 80 -3.28 14.68 21.62
N THR A 81 -3.35 14.14 20.42
CA THR A 81 -4.22 14.65 19.35
C THR A 81 -4.52 13.50 18.40
N CYS A 82 -5.41 13.74 17.47
CA CYS A 82 -5.72 12.79 16.37
C CYS A 82 -5.23 13.41 15.07
N VAL A 83 -4.32 12.71 14.37
CA VAL A 83 -3.59 13.28 13.19
C VAL A 83 -4.21 12.72 11.91
N TYR A 84 -4.89 11.58 11.98
CA TYR A 84 -5.71 11.02 10.87
C TYR A 84 -7.06 10.53 11.40
N GLY A 85 -8.12 10.82 10.63
CA GLY A 85 -9.51 10.44 10.96
C GLY A 85 -10.06 11.33 12.06
N GLU A 86 -10.97 10.81 12.89
CA GLU A 86 -11.65 11.60 13.93
C GLU A 86 -11.84 10.72 15.17
N VAL A 87 -11.60 11.29 16.34
CA VAL A 87 -11.88 10.60 17.63
C VAL A 87 -12.77 11.49 18.49
N HIS A 88 -13.57 10.86 19.36
CA HIS A 88 -14.16 11.50 20.56
C HIS A 88 -13.14 11.26 21.68
N GLN A 89 -12.41 12.31 22.02
CA GLN A 89 -11.34 12.34 23.05
C GLN A 89 -11.98 12.76 24.36
N VAL A 90 -11.95 11.89 25.39
CA VAL A 90 -12.61 12.23 26.68
C VAL A 90 -11.56 12.16 27.79
N VAL A 91 -11.36 13.30 28.45
CA VAL A 91 -10.48 13.43 29.63
C VAL A 91 -11.36 13.30 30.86
N VAL A 92 -10.92 12.51 31.83
CA VAL A 92 -11.61 12.35 33.13
C VAL A 92 -10.64 12.82 34.22
N ASP A 93 -11.16 13.59 35.18
CA ASP A 93 -10.41 13.95 36.41
C ASP A 93 -10.41 12.72 37.35
N CYS A 94 -9.28 12.05 37.45
CA CYS A 94 -9.09 10.90 38.35
C CYS A 94 -8.14 11.28 39.48
N ARG A 95 -8.00 12.58 39.77
CA ARG A 95 -7.27 13.09 40.97
C ARG A 95 -8.20 12.97 42.18
N LYS A 96 -7.87 12.06 43.11
CA LYS A 96 -8.80 11.65 44.20
C LYS A 96 -9.20 12.88 45.02
N ASP A 97 -8.25 13.76 45.33
CA ASP A 97 -8.44 14.94 46.20
C ASP A 97 -9.05 16.12 45.41
N SER A 98 -9.28 15.99 44.10
CA SER A 98 -9.69 17.14 43.22
C SER A 98 -11.17 17.44 43.43
N PRO A 99 -11.58 18.72 43.41
CA PRO A 99 -12.99 19.08 43.53
C PRO A 99 -13.84 18.63 42.33
N THR A 100 -13.22 18.32 41.19
CA THR A 100 -13.91 17.91 39.93
C THR A 100 -13.65 16.42 39.66
N TYR A 101 -13.11 15.68 40.64
CA TYR A 101 -12.94 14.20 40.58
C TYR A 101 -14.14 13.58 39.83
N LEU A 102 -13.84 12.80 38.78
CA LEU A 102 -14.79 12.01 37.93
C LEU A 102 -15.69 12.91 37.08
N LYS A 103 -15.47 14.22 37.07
CA LYS A 103 -15.97 15.08 35.97
C LYS A 103 -15.15 14.75 34.73
N TRP A 104 -15.72 15.03 33.57
CA TRP A 104 -15.09 14.71 32.27
C TRP A 104 -15.34 15.85 31.28
N GLU A 105 -14.56 15.86 30.21
CA GLU A 105 -14.72 16.86 29.12
C GLU A 105 -14.38 16.13 27.82
N LYS A 106 -15.22 16.31 26.81
CA LYS A 106 -15.03 15.69 25.49
C LYS A 106 -14.52 16.73 24.49
N PHE A 107 -13.61 16.29 23.63
CA PHE A 107 -13.09 17.01 22.45
C PHE A 107 -13.31 16.13 21.22
N ILE A 108 -13.68 16.75 20.09
CA ILE A 108 -13.88 15.98 18.84
C ILE A 108 -12.80 16.46 17.86
N ILE A 109 -11.75 15.65 17.76
CA ILE A 109 -10.40 16.03 17.26
C ILE A 109 -10.19 15.35 15.91
N SER A 110 -9.70 16.13 14.94
CA SER A 110 -9.36 15.72 13.56
C SER A 110 -8.48 16.82 12.97
N TYR A 111 -8.01 16.65 11.74
CA TYR A 111 -7.20 17.68 11.07
C TYR A 111 -8.02 18.98 10.95
N LYS A 112 -9.35 18.90 11.02
CA LYS A 112 -10.26 20.08 10.92
C LYS A 112 -10.41 20.78 12.28
N ASN A 113 -10.05 20.11 13.36
CA ASN A 113 -10.08 20.70 14.73
C ASN A 113 -8.85 20.19 15.48
N GLN A 114 -7.68 20.72 15.14
CA GLN A 114 -6.37 20.12 15.53
C GLN A 114 -6.03 20.49 16.96
N GLN A 115 -6.84 20.08 17.93
CA GLN A 115 -6.58 20.37 19.35
C GLN A 115 -5.57 19.34 19.88
N LEU A 116 -4.52 19.81 20.53
CA LEU A 116 -3.61 18.96 21.34
C LEU A 116 -3.97 19.17 22.82
N ILE A 117 -4.26 18.08 23.50
CA ILE A 117 -4.75 18.14 24.90
C ILE A 117 -3.57 17.76 25.80
N LEU A 118 -3.27 18.63 26.75
CA LEU A 118 -2.21 18.37 27.74
C LEU A 118 -2.85 17.88 29.04
N LEU A 119 -2.53 16.65 29.43
CA LEU A 119 -3.04 16.03 30.68
C LEU A 119 -1.86 15.90 31.63
N PRO A 120 -2.02 16.37 32.89
CA PRO A 120 -1.05 16.09 33.94
C PRO A 120 -1.33 14.68 34.45
N PRO A 121 -0.47 14.14 35.34
CA PRO A 121 -0.66 12.79 35.87
C PRO A 121 -1.99 12.67 36.62
N ASN A 122 -2.41 11.43 36.85
CA ASN A 122 -3.59 11.03 37.66
C ASN A 122 -4.88 11.44 36.96
N MET A 123 -4.83 11.62 35.64
CA MET A 123 -6.04 11.84 34.82
C MET A 123 -6.38 10.54 34.10
N GLY A 124 -7.68 10.36 33.81
CA GLY A 124 -8.17 9.32 32.90
C GLY A 124 -8.19 9.85 31.47
N ASN A 125 -7.49 9.18 30.57
CA ASN A 125 -7.51 9.46 29.11
C ASN A 125 -8.30 8.35 28.42
N SER A 126 -9.08 8.73 27.41
CA SER A 126 -9.87 7.78 26.59
C SER A 126 -10.08 8.41 25.22
N HIS A 127 -10.21 7.58 24.19
CA HIS A 127 -10.74 8.02 22.88
C HIS A 127 -11.56 6.92 22.23
N TYR A 128 -12.51 7.35 21.40
CA TYR A 128 -13.42 6.52 20.58
C TYR A 128 -13.23 6.92 19.12
N VAL A 129 -12.98 5.95 18.25
CA VAL A 129 -12.79 6.18 16.80
C VAL A 129 -14.17 6.23 16.12
N SER A 130 -14.55 7.41 15.62
CA SER A 130 -15.82 7.63 14.87
C SER A 130 -15.58 7.58 13.35
N SER A 131 -14.32 7.73 12.89
CA SER A 131 -13.95 7.64 11.46
C SER A 131 -13.72 6.16 11.08
N ALA A 132 -13.45 5.84 9.80
CA ALA A 132 -13.18 4.45 9.34
C ALA A 132 -11.93 3.91 10.04
N ALA A 133 -10.92 4.76 10.22
CA ALA A 133 -9.75 4.49 11.09
C ALA A 133 -9.22 5.82 11.63
N ALA A 134 -8.44 5.75 12.69
CA ALA A 134 -7.80 6.94 13.29
C ALA A 134 -6.36 6.62 13.67
N VAL A 135 -5.47 7.61 13.50
CA VAL A 135 -4.14 7.65 14.13
C VAL A 135 -4.14 8.73 15.22
N TYR A 136 -3.71 8.29 16.41
CA TYR A 136 -3.65 9.07 17.65
C TYR A 136 -2.18 9.21 18.00
N TYR A 137 -1.74 10.45 18.13
CA TYR A 137 -0.35 10.85 18.46
C TYR A 137 -0.31 11.17 19.94
N TYR A 138 0.67 10.61 20.61
CA TYR A 138 0.80 10.59 22.08
C TYR A 138 2.26 10.89 22.39
N LYS A 139 2.51 12.06 22.97
CA LYS A 139 3.83 12.46 23.53
C LYS A 139 3.76 12.37 25.05
N LEU A 140 4.83 11.85 25.66
CA LEU A 140 4.89 11.53 27.11
C LEU A 140 6.09 12.24 27.73
N ALA A 141 5.84 12.94 28.83
CA ALA A 141 6.84 13.46 29.79
C ALA A 141 6.71 12.71 31.12
N TYR A 142 7.80 12.07 31.56
CA TYR A 142 7.89 11.36 32.86
C TYR A 142 9.37 11.20 33.26
N GLU A 143 9.64 11.15 34.56
CA GLU A 143 10.96 10.73 35.12
C GLU A 143 11.01 9.20 35.18
N GLY A 144 12.18 8.62 34.96
CA GLY A 144 12.42 7.18 35.08
C GLY A 144 11.70 6.40 33.99
N GLU A 145 11.20 5.22 34.36
CA GLU A 145 10.82 4.19 33.38
C GLU A 145 9.34 4.35 33.01
N TYR A 146 8.99 3.86 31.83
CA TYR A 146 7.62 3.93 31.25
C TYR A 146 6.66 3.12 32.12
N MET A 147 5.50 3.66 32.48
CA MET A 147 4.39 2.89 33.14
C MET A 147 3.59 2.19 32.05
N ASP A 148 3.85 0.90 31.84
CA ASP A 148 3.10 0.06 30.88
C ASP A 148 1.73 -0.28 31.50
N ALA A 149 0.86 -1.00 30.78
CA ALA A 149 -0.51 -1.32 31.23
C ALA A 149 -0.53 -1.81 32.68
N PRO A 150 0.35 -2.75 33.12
CA PRO A 150 0.30 -3.28 34.49
C PRO A 150 0.63 -2.27 35.60
N ASP A 151 1.24 -1.13 35.24
CA ASP A 151 1.63 -0.02 36.15
C ASP A 151 0.63 1.15 36.01
N GLN A 152 -0.49 0.95 35.32
CA GLN A 152 -1.51 2.01 35.09
C GLN A 152 -2.77 1.61 35.87
N PHE A 153 -3.64 2.58 36.14
CA PHE A 153 -5.05 2.34 36.55
C PHE A 153 -5.97 2.36 35.33
N THR A 154 -7.18 1.85 35.55
CA THR A 154 -8.28 1.72 34.56
C THR A 154 -9.62 2.04 35.22
N TYR A 155 -10.44 2.91 34.61
CA TYR A 155 -11.87 3.12 34.93
C TYR A 155 -12.70 2.59 33.74
N ALA A 156 -13.83 1.95 34.02
CA ALA A 156 -14.77 1.48 32.98
C ALA A 156 -15.18 2.66 32.10
N TRP A 157 -15.08 2.50 30.79
CA TRP A 157 -15.52 3.49 29.78
C TRP A 157 -16.94 3.95 30.10
N ASN A 158 -17.79 3.04 30.58
CA ASN A 158 -19.23 3.33 30.80
C ASN A 158 -19.51 3.43 32.32
N ASP A 159 -18.49 3.70 33.14
CA ASP A 159 -18.65 3.86 34.62
C ASP A 159 -19.77 4.88 34.86
N GLU A 160 -20.80 4.49 35.61
CA GLU A 160 -22.02 5.30 35.85
C GLU A 160 -21.71 6.53 36.73
N ARG A 161 -20.66 6.49 37.55
CA ARG A 161 -20.26 7.67 38.37
C ARG A 161 -19.65 8.75 37.45
N ILE A 162 -19.05 8.36 36.32
CA ILE A 162 -18.44 9.32 35.38
C ILE A 162 -19.55 9.81 34.45
N GLY A 163 -20.27 8.86 33.85
CA GLY A 163 -21.49 9.06 33.04
C GLY A 163 -21.21 9.68 31.68
N ILE A 164 -20.16 9.23 30.97
CA ILE A 164 -19.75 9.83 29.66
C ILE A 164 -20.84 9.51 28.62
N ASP A 165 -21.22 10.47 27.78
CA ASP A 165 -22.06 10.19 26.57
C ASP A 165 -21.12 9.63 25.49
N TRP A 166 -21.33 8.40 25.07
CA TRP A 166 -20.54 7.78 23.97
C TRP A 166 -21.50 7.56 22.81
N PRO A 167 -21.04 7.61 21.56
CA PRO A 167 -21.94 7.41 20.42
C PRO A 167 -22.25 5.94 20.09
N THR A 168 -22.00 5.01 21.02
CA THR A 168 -22.28 3.56 20.85
C THR A 168 -22.40 2.92 22.23
N ASN A 169 -23.09 1.77 22.27
CA ASN A 169 -23.20 0.88 23.44
C ASN A 169 -22.33 -0.36 23.21
N THR A 170 -21.73 -0.51 22.01
CA THR A 170 -20.95 -1.73 21.60
C THR A 170 -19.62 -1.36 20.99
N PRO A 171 -18.74 -0.63 21.73
CA PRO A 171 -17.39 -0.32 21.26
C PRO A 171 -16.54 -1.59 21.15
N ILE A 172 -15.51 -1.59 20.30
CA ILE A 172 -14.44 -2.65 20.35
C ILE A 172 -13.50 -2.36 21.52
N LEU A 173 -13.36 -3.31 22.46
CA LEU A 173 -12.58 -3.15 23.71
C LEU A 173 -11.54 -4.26 23.86
N SER A 174 -10.40 -3.92 24.46
CA SER A 174 -9.40 -4.86 24.98
C SER A 174 -10.01 -5.64 26.16
N ASP A 175 -9.40 -6.78 26.49
CA ASP A 175 -9.81 -7.58 27.67
C ASP A 175 -9.59 -6.72 28.92
N ARG A 176 -8.51 -5.96 28.97
CA ARG A 176 -8.28 -4.94 30.03
C ARG A 176 -9.55 -4.07 30.20
N ASP A 177 -10.11 -3.57 29.10
CA ASP A 177 -11.17 -2.52 29.17
C ASP A 177 -12.53 -3.18 29.43
N ILE A 178 -12.69 -4.43 29.02
CA ILE A 178 -13.87 -5.26 29.37
C ILE A 178 -13.79 -5.58 30.88
N LEU A 179 -12.63 -6.03 31.34
CA LEU A 179 -12.45 -6.37 32.77
C LEU A 179 -12.92 -5.18 33.62
N ALA A 180 -12.63 -3.93 33.24
CA ALA A 180 -12.98 -2.73 34.06
C ALA A 180 -14.51 -2.63 34.24
N THR A 181 -15.31 -3.21 33.35
CA THR A 181 -16.78 -3.12 33.38
C THR A 181 -17.41 -4.18 34.30
N LYS A 182 -16.64 -5.10 34.90
CA LYS A 182 -17.18 -6.22 35.72
C LYS A 182 -17.49 -5.74 37.14
N HIS B 4 4.69 -9.16 28.50
CA HIS B 4 4.39 -7.94 27.67
C HIS B 4 5.56 -7.71 26.71
N MET B 5 5.36 -6.88 25.68
CA MET B 5 6.48 -6.48 24.77
C MET B 5 7.25 -5.31 25.43
N ALA B 6 8.57 -5.43 25.43
CA ALA B 6 9.48 -4.28 25.57
C ALA B 6 9.37 -3.44 24.29
N ILE B 7 9.50 -2.13 24.43
CA ILE B 7 9.81 -1.21 23.31
C ILE B 7 11.11 -1.73 22.69
N GLU B 8 11.10 -2.03 21.40
CA GLU B 8 12.33 -2.42 20.67
C GLU B 8 12.44 -1.56 19.41
N PHE B 9 13.67 -1.20 19.08
CA PHE B 9 14.06 -0.61 17.79
C PHE B 9 15.18 -1.44 17.17
N ASP B 10 14.95 -1.99 15.97
CA ASP B 10 16.04 -2.41 15.07
C ASP B 10 16.70 -1.17 14.46
N ILE B 11 18.02 -1.06 14.52
CA ILE B 11 18.73 0.08 13.90
C ILE B 11 19.81 -0.50 12.99
N GLN B 12 19.86 -0.03 11.75
CA GLN B 12 21.02 -0.32 10.89
C GLN B 12 21.32 0.91 10.05
N GLU B 13 22.58 1.02 9.65
CA GLU B 13 23.01 2.09 8.72
C GLU B 13 22.63 1.67 7.30
N SER B 14 22.32 2.63 6.42
CA SER B 14 22.18 2.41 4.96
C SER B 14 23.46 1.76 4.42
N LYS B 15 23.33 0.84 3.46
CA LYS B 15 24.44 0.25 2.69
C LYS B 15 24.77 1.15 1.50
N ILE B 16 23.94 2.15 1.22
CA ILE B 16 24.09 3.08 0.08
C ILE B 16 24.66 4.40 0.58
N LEU B 17 24.09 4.98 1.64
CA LEU B 17 24.38 6.37 2.06
C LEU B 17 24.94 6.35 3.48
N LYS B 18 26.23 6.63 3.63
CA LYS B 18 26.88 6.65 4.96
C LYS B 18 26.18 7.66 5.88
N GLY B 19 25.83 7.25 7.10
CA GLY B 19 25.29 8.13 8.15
C GLY B 19 23.76 8.31 8.08
N VAL B 20 23.12 7.65 7.14
CA VAL B 20 21.64 7.47 7.10
C VAL B 20 21.30 6.18 7.85
N TYR B 21 20.42 6.26 8.84
CA TYR B 21 19.98 5.07 9.61
C TYR B 21 18.53 4.72 9.27
N ILE B 22 18.26 3.42 9.36
CA ILE B 22 16.94 2.81 9.15
C ILE B 22 16.54 2.15 10.46
N ILE B 23 15.50 2.67 11.08
CA ILE B 23 15.00 2.26 12.43
C ILE B 23 13.63 1.60 12.26
N THR B 24 13.47 0.37 12.75
CA THR B 24 12.22 -0.40 12.67
C THR B 24 11.75 -0.65 14.09
N PRO B 25 10.64 -0.02 14.53
CA PRO B 25 10.11 -0.24 15.87
C PRO B 25 9.35 -1.56 15.87
N ASN B 26 9.11 -2.14 17.03
CA ASN B 26 8.18 -3.28 17.13
C ASN B 26 6.78 -2.66 17.31
N LYS B 27 5.72 -3.46 17.26
CA LYS B 27 4.33 -2.97 17.46
C LYS B 27 3.55 -3.95 18.30
N PHE B 28 2.67 -3.46 19.18
CA PHE B 28 1.63 -4.32 19.77
C PHE B 28 0.41 -4.31 18.83
N ARG B 29 0.04 -5.50 18.36
CA ARG B 29 -1.12 -5.66 17.46
C ARG B 29 -2.23 -6.46 18.15
N ASP B 30 -3.48 -6.01 18.04
CA ASP B 30 -4.66 -6.71 18.62
C ASP B 30 -5.87 -6.34 17.79
N LEU B 31 -7.07 -6.73 18.24
CA LEU B 31 -8.36 -6.50 17.53
C LEU B 31 -8.63 -5.01 17.32
N ARG B 32 -7.96 -4.12 18.07
CA ARG B 32 -8.20 -2.65 18.01
C ARG B 32 -7.33 -1.99 16.93
N GLY B 33 -6.18 -2.59 16.63
CA GLY B 33 -5.18 -1.99 15.73
C GLY B 33 -3.79 -2.15 16.29
N GLU B 34 -3.01 -1.08 16.35
CA GLU B 34 -1.58 -1.14 16.75
C GLU B 34 -1.22 0.00 17.70
N ILE B 35 -0.29 -0.29 18.59
CA ILE B 35 0.42 0.72 19.42
C ILE B 35 1.90 0.54 19.13
N TRP B 36 2.60 1.64 18.90
CA TRP B 36 4.07 1.53 18.77
C TRP B 36 4.72 2.85 19.18
N THR B 37 5.99 2.74 19.55
CA THR B 37 6.83 3.89 19.94
C THR B 37 7.73 4.28 18.77
N ALA B 38 7.60 5.53 18.31
CA ALA B 38 8.42 6.13 17.24
C ALA B 38 9.79 6.55 17.78
N PHE B 39 9.86 6.95 19.05
CA PHE B 39 11.04 7.62 19.63
C PHE B 39 11.01 7.56 21.15
N THR B 40 12.17 7.30 21.75
CA THR B 40 12.48 7.62 23.16
C THR B 40 13.86 8.28 23.18
N ASP B 41 14.04 9.27 24.03
CA ASP B 41 15.38 9.84 24.27
C ASP B 41 16.35 8.68 24.59
N GLU B 42 15.94 7.76 25.45
CA GLU B 42 16.82 6.68 25.98
C GLU B 42 17.41 5.90 24.80
N TYR B 43 16.64 5.60 23.75
CA TYR B 43 17.05 4.65 22.67
C TYR B 43 17.57 5.38 21.42
N LEU B 44 17.05 6.57 21.10
CA LEU B 44 17.30 7.16 19.76
C LEU B 44 18.03 8.51 19.84
N SER B 45 18.19 9.11 21.02
CA SER B 45 18.98 10.36 21.14
C SER B 45 20.42 10.15 20.63
N LYS B 46 20.95 8.93 20.65
CA LYS B 46 22.33 8.60 20.15
C LYS B 46 22.44 8.72 18.61
N LEU B 47 21.34 8.87 17.86
CA LEU B 47 21.39 8.97 16.37
C LEU B 47 21.98 10.33 15.97
N VAL B 48 22.18 11.22 16.93
CA VAL B 48 22.51 12.66 16.72
C VAL B 48 23.66 13.00 17.66
N PRO B 49 24.59 13.92 17.32
CA PRO B 49 25.67 14.28 18.25
C PRO B 49 25.15 14.82 19.58
N ASP B 50 25.88 14.52 20.68
CA ASP B 50 25.65 15.07 22.04
C ASP B 50 25.49 16.58 21.92
N GLY B 51 24.59 17.18 22.70
CA GLY B 51 24.34 18.64 22.71
C GLY B 51 23.28 19.03 21.68
N ILE B 52 22.92 18.13 20.76
CA ILE B 52 21.90 18.43 19.72
C ILE B 52 20.67 17.59 20.08
N LYS B 53 19.55 18.27 20.29
CA LYS B 53 18.31 17.68 20.90
C LYS B 53 17.21 17.62 19.84
N PHE B 54 16.46 16.52 19.84
CA PHE B 54 15.15 16.46 19.14
C PHE B 54 14.17 17.36 19.89
N LYS B 55 13.89 18.56 19.38
CA LYS B 55 13.16 19.57 20.18
C LYS B 55 11.91 20.05 19.42
N HIS B 56 11.55 19.38 18.32
CA HIS B 56 10.52 19.90 17.38
C HIS B 56 9.89 18.73 16.65
N ASP B 57 8.57 18.62 16.71
CA ASP B 57 7.78 17.55 16.05
C ASP B 57 6.80 18.21 15.09
N LYS B 58 6.77 17.73 13.86
CA LYS B 58 5.87 18.23 12.78
C LYS B 58 5.08 17.08 12.14
N PHE B 59 3.93 17.45 11.58
CA PHE B 59 3.08 16.61 10.72
C PHE B 59 2.94 17.34 9.39
N ILE B 60 3.15 16.58 8.32
CA ILE B 60 2.88 17.01 6.92
C ILE B 60 1.86 16.03 6.34
N ASN B 61 0.66 16.55 6.08
CA ASN B 61 -0.51 15.84 5.58
C ASN B 61 -0.65 16.18 4.10
N SER B 62 -0.58 15.19 3.22
CA SER B 62 -0.58 15.42 1.77
C SER B 62 -1.54 14.45 1.07
N HIS B 63 -2.13 14.92 -0.02
CA HIS B 63 -3.04 14.14 -0.91
C HIS B 63 -2.25 13.17 -1.77
N PHE B 64 -2.91 12.14 -2.32
CA PHE B 64 -2.39 11.30 -3.42
C PHE B 64 -1.61 12.15 -4.44
N ASN B 65 -0.44 11.67 -4.86
CA ASN B 65 0.27 12.18 -6.05
C ASN B 65 1.07 13.43 -5.74
N VAL B 66 0.99 13.93 -4.53
CA VAL B 66 1.90 14.99 -4.03
C VAL B 66 3.33 14.45 -3.92
N LEU B 67 4.27 15.20 -4.49
CA LEU B 67 5.73 15.08 -4.28
C LEU B 67 6.25 16.35 -3.61
N ARG B 68 6.86 16.21 -2.43
CA ARG B 68 7.57 17.31 -1.72
C ARG B 68 9.05 17.01 -1.77
N GLY B 69 9.86 17.94 -2.30
CA GLY B 69 11.32 17.80 -2.29
C GLY B 69 11.92 18.38 -3.56
N ILE B 70 13.25 18.29 -3.71
CA ILE B 70 14.17 17.72 -2.73
C ILE B 70 14.73 18.85 -1.85
N HIS B 71 14.59 18.73 -0.54
CA HIS B 71 14.81 19.82 0.44
C HIS B 71 15.80 19.37 1.52
N GLY B 72 16.69 20.25 1.91
CA GLY B 72 17.57 20.05 3.06
C GLY B 72 18.08 21.38 3.57
N ASP B 73 18.70 21.37 4.75
CA ASP B 73 19.44 22.53 5.30
C ASP B 73 20.70 22.07 6.04
N VAL B 74 21.54 23.05 6.41
CA VAL B 74 22.90 22.80 6.98
C VAL B 74 22.83 22.32 8.41
N LYS B 75 21.71 22.53 9.09
CA LYS B 75 21.64 22.40 10.56
C LYS B 75 20.91 21.15 11.02
N THR B 76 19.95 20.61 10.26
CA THR B 76 18.82 19.84 10.85
C THR B 76 18.99 18.34 10.61
N TYR B 77 19.09 17.59 11.69
CA TYR B 77 18.89 16.12 11.73
C TYR B 77 17.38 15.86 11.77
N LYS B 78 16.96 14.95 10.90
CA LYS B 78 15.54 14.62 10.69
C LYS B 78 15.32 13.12 10.96
N LEU B 79 14.28 12.81 11.74
CA LEU B 79 13.76 11.42 11.87
C LEU B 79 12.33 11.43 11.30
N VAL B 80 12.13 10.70 10.20
CA VAL B 80 10.94 10.83 9.34
C VAL B 80 10.28 9.46 9.21
N THR B 81 8.96 9.47 9.08
CA THR B 81 8.15 8.25 8.87
C THR B 81 6.75 8.66 8.42
N CYS B 82 6.00 7.67 7.98
CA CYS B 82 4.62 7.82 7.54
C CYS B 82 3.76 7.00 8.48
N VAL B 83 2.88 7.64 9.24
CA VAL B 83 2.05 7.00 10.29
C VAL B 83 0.63 6.71 9.76
N TYR B 84 0.27 7.20 8.57
CA TYR B 84 -0.93 6.74 7.83
C TYR B 84 -0.69 6.83 6.34
N GLY B 85 -1.08 5.78 5.65
CA GLY B 85 -1.01 5.67 4.19
C GLY B 85 0.34 5.16 3.76
N GLU B 86 0.77 5.58 2.58
CA GLU B 86 1.99 5.04 1.95
C GLU B 86 2.73 6.17 1.24
N VAL B 87 4.04 6.27 1.50
CA VAL B 87 4.90 7.29 0.83
C VAL B 87 6.10 6.56 0.25
N HIS B 88 6.55 7.00 -0.91
CA HIS B 88 7.91 6.71 -1.41
C HIS B 88 8.80 7.79 -0.82
N GLN B 89 9.48 7.44 0.27
CA GLN B 89 10.47 8.27 0.99
C GLN B 89 11.77 8.13 0.22
N VAL B 90 12.34 9.23 -0.28
CA VAL B 90 13.65 9.20 -0.97
C VAL B 90 14.64 10.17 -0.30
N VAL B 91 15.72 9.61 0.23
CA VAL B 91 16.87 10.37 0.79
C VAL B 91 17.95 10.53 -0.31
N VAL B 92 18.37 11.76 -0.56
CA VAL B 92 19.48 12.07 -1.50
C VAL B 92 20.71 12.52 -0.69
N ASP B 93 21.88 12.03 -1.06
CA ASP B 93 23.17 12.53 -0.50
C ASP B 93 23.46 13.90 -1.13
N CYS B 94 23.32 14.99 -0.36
CA CYS B 94 23.51 16.37 -0.85
C CYS B 94 24.79 16.97 -0.23
N ARG B 95 25.64 16.11 0.36
CA ARG B 95 26.96 16.53 0.91
C ARG B 95 27.94 16.55 -0.26
N LYS B 96 28.39 17.73 -0.67
CA LYS B 96 29.17 17.89 -1.92
C LYS B 96 30.52 17.19 -1.78
N ASP B 97 31.01 17.06 -0.54
CA ASP B 97 32.27 16.38 -0.12
C ASP B 97 32.12 14.85 -0.17
N SER B 98 30.89 14.30 -0.23
CA SER B 98 30.65 12.83 -0.08
C SER B 98 30.97 12.09 -1.38
N PRO B 99 31.61 10.91 -1.29
CA PRO B 99 31.85 10.10 -2.48
C PRO B 99 30.54 9.55 -3.08
N THR B 100 29.41 9.66 -2.38
CA THR B 100 28.09 9.25 -2.93
C THR B 100 27.19 10.47 -3.11
N TYR B 101 27.76 11.67 -3.32
CA TYR B 101 27.01 12.91 -3.65
C TYR B 101 26.01 12.57 -4.76
N LEU B 102 24.73 12.84 -4.51
CA LEU B 102 23.59 12.74 -5.46
C LEU B 102 23.25 11.29 -5.79
N LYS B 103 23.80 10.32 -5.07
CA LYS B 103 23.16 8.99 -4.92
C LYS B 103 21.92 9.13 -4.03
N TRP B 104 21.04 8.14 -4.10
CA TRP B 104 19.73 8.19 -3.40
C TRP B 104 19.32 6.78 -3.01
N GLU B 105 18.44 6.69 -2.03
CA GLU B 105 17.84 5.43 -1.59
C GLU B 105 16.37 5.71 -1.27
N LYS B 106 15.51 4.77 -1.69
CA LYS B 106 14.06 4.82 -1.48
C LYS B 106 13.65 3.84 -0.37
N PHE B 107 12.76 4.32 0.50
CA PHE B 107 12.05 3.51 1.52
C PHE B 107 10.56 3.71 1.24
N ILE B 108 9.82 2.63 0.93
CA ILE B 108 8.34 2.70 0.80
C ILE B 108 7.78 2.38 2.17
N ILE B 109 7.31 3.42 2.87
CA ILE B 109 6.87 3.36 4.29
C ILE B 109 5.35 3.31 4.31
N SER B 110 4.79 2.35 5.05
CA SER B 110 3.36 2.07 5.06
C SER B 110 3.01 1.21 6.28
N TYR B 111 1.74 0.78 6.38
CA TYR B 111 1.25 -0.12 7.45
C TYR B 111 2.11 -1.38 7.51
N LYS B 112 2.71 -1.80 6.42
CA LYS B 112 3.42 -3.12 6.40
C LYS B 112 4.93 -2.93 6.47
N ASN B 113 5.42 -1.71 6.39
CA ASN B 113 6.88 -1.42 6.53
C ASN B 113 7.00 -0.15 7.34
N GLN B 114 7.00 -0.27 8.68
CA GLN B 114 7.06 0.93 9.56
C GLN B 114 8.52 1.22 9.86
N GLN B 115 9.20 1.97 9.00
CA GLN B 115 10.59 2.41 9.24
C GLN B 115 10.58 3.91 9.49
N LEU B 116 11.43 4.33 10.40
CA LEU B 116 11.81 5.75 10.56
C LEU B 116 13.21 5.89 9.99
N ILE B 117 13.43 6.95 9.22
CA ILE B 117 14.72 7.19 8.54
C ILE B 117 15.38 8.40 9.19
N LEU B 118 16.64 8.21 9.60
CA LEU B 118 17.45 9.27 10.25
C LEU B 118 18.33 9.87 9.17
N LEU B 119 18.13 11.17 8.90
CA LEU B 119 18.86 11.99 7.89
C LEU B 119 19.75 12.96 8.66
N PRO B 120 21.07 12.95 8.45
CA PRO B 120 21.92 14.00 9.00
C PRO B 120 21.74 15.25 8.16
N PRO B 121 22.31 16.40 8.57
CA PRO B 121 22.20 17.61 7.76
C PRO B 121 22.82 17.48 6.37
N ASN B 122 22.46 18.41 5.50
CA ASN B 122 23.03 18.52 4.13
C ASN B 122 22.59 17.31 3.32
N MET B 123 21.44 16.71 3.65
CA MET B 123 20.86 15.59 2.87
C MET B 123 19.59 16.11 2.19
N GLY B 124 19.27 15.58 1.02
CA GLY B 124 18.00 15.90 0.35
C GLY B 124 16.90 14.99 0.85
N ASN B 125 15.87 15.55 1.47
CA ASN B 125 14.68 14.77 1.88
C ASN B 125 13.60 14.98 0.82
N SER B 126 12.88 13.92 0.45
CA SER B 126 11.74 13.97 -0.48
C SER B 126 10.77 12.84 -0.15
N HIS B 127 9.47 13.06 -0.43
CA HIS B 127 8.48 11.96 -0.38
C HIS B 127 7.38 12.19 -1.40
N TYR B 128 6.89 11.07 -1.88
CA TYR B 128 5.75 10.98 -2.83
C TYR B 128 4.66 10.13 -2.19
N VAL B 129 3.43 10.62 -2.31
CA VAL B 129 2.24 10.00 -1.68
C VAL B 129 1.59 9.06 -2.69
N SER B 130 1.68 7.76 -2.43
CA SER B 130 1.15 6.69 -3.31
C SER B 130 -0.24 6.21 -2.82
N SER B 131 -0.63 6.58 -1.60
CA SER B 131 -1.95 6.30 -0.97
C SER B 131 -2.93 7.45 -1.26
N ALA B 132 -4.23 7.29 -0.96
CA ALA B 132 -5.26 8.35 -1.19
C ALA B 132 -4.81 9.58 -0.43
N ALA B 133 -4.26 9.41 0.77
CA ALA B 133 -3.67 10.49 1.58
C ALA B 133 -2.56 9.89 2.46
N ALA B 134 -1.69 10.75 2.96
CA ALA B 134 -0.54 10.36 3.81
C ALA B 134 -0.37 11.37 4.96
N VAL B 135 -0.07 10.84 6.13
CA VAL B 135 0.35 11.62 7.31
C VAL B 135 1.83 11.32 7.52
N TYR B 136 2.66 12.33 7.28
CA TYR B 136 4.13 12.21 7.37
C TYR B 136 4.52 12.83 8.71
N TYR B 137 5.21 12.06 9.56
CA TYR B 137 5.68 12.52 10.89
C TYR B 137 7.18 12.78 10.80
N TYR B 138 7.62 13.91 11.34
CA TYR B 138 8.92 14.54 11.05
C TYR B 138 9.45 15.06 12.40
N LYS B 139 10.46 14.41 12.99
CA LYS B 139 11.15 14.96 14.19
C LYS B 139 12.41 15.69 13.74
N LEU B 140 12.72 16.80 14.38
CA LEU B 140 13.85 17.70 14.01
C LEU B 140 14.79 17.83 15.21
N ALA B 141 16.10 17.67 14.98
CA ALA B 141 17.14 18.00 15.96
C ALA B 141 18.07 19.03 15.34
N TYR B 142 18.19 20.18 16.01
CA TYR B 142 19.00 21.32 15.53
C TYR B 142 19.30 22.28 16.68
N GLU B 143 20.45 22.96 16.53
CA GLU B 143 20.88 24.11 17.35
C GLU B 143 20.27 25.37 16.73
N GLY B 144 19.84 26.30 17.57
CA GLY B 144 19.35 27.63 17.19
C GLY B 144 17.96 27.56 16.58
N GLU B 145 17.69 28.51 15.69
CA GLU B 145 16.33 28.75 15.14
C GLU B 145 16.01 27.76 14.02
N TYR B 146 14.71 27.55 13.82
CA TYR B 146 14.16 26.66 12.77
C TYR B 146 14.68 27.16 11.43
N MET B 147 15.15 26.26 10.57
CA MET B 147 15.53 26.60 9.19
C MET B 147 14.27 26.44 8.31
N ASP B 148 13.58 27.53 8.06
CA ASP B 148 12.39 27.59 7.18
C ASP B 148 12.87 27.59 5.72
N ALA B 149 11.93 27.61 4.78
CA ALA B 149 12.16 27.52 3.32
C ALA B 149 13.24 28.50 2.84
N PRO B 150 13.29 29.79 3.26
CA PRO B 150 14.31 30.70 2.75
C PRO B 150 15.74 30.27 3.10
N ASP B 151 15.93 29.42 4.10
CA ASP B 151 17.26 28.98 4.59
C ASP B 151 17.56 27.53 4.19
N GLN B 152 16.69 26.95 3.37
CA GLN B 152 16.86 25.56 2.89
C GLN B 152 17.38 25.58 1.46
N PHE B 153 18.03 24.50 1.07
CA PHE B 153 18.41 24.28 -0.35
C PHE B 153 17.35 23.38 -0.98
N THR B 154 17.24 23.45 -2.29
CA THR B 154 16.29 22.69 -3.12
C THR B 154 17.04 22.10 -4.32
N TYR B 155 16.87 20.79 -4.57
CA TYR B 155 17.14 20.14 -5.86
C TYR B 155 15.80 19.76 -6.49
N ALA B 156 15.72 19.84 -7.82
CA ALA B 156 14.58 19.38 -8.64
C ALA B 156 14.29 17.91 -8.35
N TRP B 157 13.04 17.61 -7.98
CA TRP B 157 12.54 16.23 -7.78
C TRP B 157 13.05 15.30 -8.90
N ASN B 158 13.11 15.80 -10.14
CA ASN B 158 13.49 15.00 -11.33
C ASN B 158 14.88 15.42 -11.84
N ASP B 159 15.76 15.94 -10.99
CA ASP B 159 17.15 16.29 -11.41
C ASP B 159 17.79 15.06 -12.09
N GLU B 160 18.17 15.21 -13.36
CA GLU B 160 18.78 14.13 -14.19
C GLU B 160 20.07 13.57 -13.54
N ARG B 161 20.85 14.41 -12.88
CA ARG B 161 22.09 13.97 -12.19
C ARG B 161 21.74 13.00 -11.05
N ILE B 162 20.56 13.12 -10.44
CA ILE B 162 20.13 12.25 -9.32
C ILE B 162 19.42 11.04 -9.90
N GLY B 163 18.42 11.24 -10.76
CA GLY B 163 17.74 10.13 -11.48
C GLY B 163 16.90 9.27 -10.57
N ILE B 164 16.09 9.87 -9.71
CA ILE B 164 15.23 9.10 -8.77
C ILE B 164 14.19 8.38 -9.61
N ASP B 165 13.95 7.11 -9.32
CA ASP B 165 12.82 6.33 -9.84
C ASP B 165 11.56 6.71 -9.05
N TRP B 166 10.77 7.63 -9.59
CA TRP B 166 9.45 8.07 -9.07
C TRP B 166 8.33 7.31 -9.80
N PRO B 167 7.21 6.97 -9.13
CA PRO B 167 6.16 6.20 -9.77
C PRO B 167 5.33 6.98 -10.81
N THR B 168 5.61 8.27 -11.01
CA THR B 168 4.89 9.15 -11.96
C THR B 168 5.84 10.21 -12.50
N ASN B 169 5.56 10.72 -13.69
CA ASN B 169 6.22 11.92 -14.29
C ASN B 169 5.38 13.16 -14.01
N THR B 170 4.20 13.04 -13.36
CA THR B 170 3.23 14.16 -13.22
C THR B 170 2.77 14.28 -11.77
N PRO B 171 3.69 14.62 -10.85
CA PRO B 171 3.30 14.88 -9.47
C PRO B 171 2.67 16.26 -9.23
N ILE B 172 2.00 16.40 -8.10
CA ILE B 172 1.53 17.70 -7.58
C ILE B 172 2.67 18.36 -6.80
N LEU B 173 2.96 19.60 -7.16
CA LEU B 173 4.17 20.33 -6.71
C LEU B 173 3.77 21.72 -6.24
N SER B 174 4.41 22.18 -5.18
CA SER B 174 4.44 23.60 -4.78
C SER B 174 5.24 24.39 -5.83
N ASP B 175 5.04 25.70 -5.84
CA ASP B 175 5.81 26.63 -6.71
C ASP B 175 7.31 26.50 -6.44
N ARG B 176 7.75 26.36 -5.19
CA ARG B 176 9.16 26.12 -4.81
C ARG B 176 9.73 24.94 -5.63
N ASP B 177 8.97 23.84 -5.69
CA ASP B 177 9.46 22.56 -6.26
C ASP B 177 9.35 22.64 -7.79
N ILE B 178 8.37 23.38 -8.31
CA ILE B 178 8.29 23.71 -9.77
C ILE B 178 9.50 24.56 -10.16
N LEU B 179 9.82 25.61 -9.39
CA LEU B 179 10.89 26.58 -9.71
C LEU B 179 12.22 25.83 -9.87
N ALA B 180 12.49 24.86 -9.00
CA ALA B 180 13.75 24.09 -9.01
C ALA B 180 13.91 23.30 -10.32
N THR B 181 12.84 22.87 -10.99
CA THR B 181 12.93 22.15 -12.29
C THR B 181 13.37 23.13 -13.40
N LYS B 182 13.36 24.46 -13.13
CA LYS B 182 13.83 25.53 -14.07
C LYS B 182 14.85 26.42 -13.35
N HIS C 4 21.75 -11.46 25.52
CA HIS C 4 21.41 -12.22 24.28
C HIS C 4 19.95 -11.97 23.88
N MET C 5 19.71 -11.77 22.58
CA MET C 5 18.37 -11.62 21.96
C MET C 5 17.63 -12.96 21.95
N ALA C 6 16.31 -12.88 22.17
CA ALA C 6 15.35 -13.96 21.87
C ALA C 6 14.94 -13.81 20.40
N ILE C 7 14.69 -14.93 19.75
CA ILE C 7 14.03 -15.02 18.42
C ILE C 7 12.66 -14.34 18.53
N GLU C 8 12.35 -13.41 17.62
CA GLU C 8 11.04 -12.70 17.57
C GLU C 8 10.56 -12.70 16.12
N PHE C 9 9.25 -12.87 15.93
CA PHE C 9 8.54 -12.68 14.65
C PHE C 9 7.37 -11.71 14.88
N ASP C 10 7.36 -10.58 14.18
CA ASP C 10 6.15 -9.75 14.04
C ASP C 10 5.32 -10.33 12.89
N ILE C 11 4.03 -10.59 13.12
CA ILE C 11 3.11 -11.15 12.11
C ILE C 11 1.90 -10.23 12.01
N GLN C 12 1.47 -9.94 10.79
CA GLN C 12 0.21 -9.22 10.53
C GLN C 12 -0.34 -9.74 9.20
N GLU C 13 -1.67 -9.83 9.11
CA GLU C 13 -2.39 -10.15 7.86
C GLU C 13 -2.31 -8.94 6.93
N SER C 14 -2.17 -9.18 5.64
CA SER C 14 -2.37 -8.15 4.60
C SER C 14 -3.69 -7.42 4.90
N LYS C 15 -3.73 -6.11 4.66
CA LYS C 15 -5.00 -5.34 4.68
C LYS C 15 -5.69 -5.49 3.33
N ILE C 16 -5.04 -6.09 2.33
CA ILE C 16 -5.58 -6.12 0.95
C ILE C 16 -6.06 -7.52 0.58
N LEU C 17 -5.29 -8.55 0.99
CA LEU C 17 -5.45 -9.96 0.57
C LEU C 17 -5.65 -10.83 1.81
N LYS C 18 -6.86 -11.30 2.01
CA LYS C 18 -7.18 -12.12 3.19
C LYS C 18 -6.43 -13.46 3.11
N GLY C 19 -5.86 -13.89 4.24
CA GLY C 19 -5.10 -15.16 4.34
C GLY C 19 -3.63 -15.01 3.99
N VAL C 20 -3.19 -13.81 3.55
CA VAL C 20 -1.76 -13.51 3.26
C VAL C 20 -1.17 -12.84 4.50
N TYR C 21 -0.02 -13.36 4.97
CA TYR C 21 0.65 -12.89 6.21
C TYR C 21 2.04 -12.35 5.87
N ILE C 22 2.40 -11.34 6.65
CA ILE C 22 3.67 -10.56 6.52
C ILE C 22 4.42 -10.82 7.81
N ILE C 23 5.53 -11.55 7.74
CA ILE C 23 6.33 -11.95 8.93
C ILE C 23 7.62 -11.16 8.92
N THR C 24 7.90 -10.44 10.00
CA THR C 24 9.16 -9.68 10.13
C THR C 24 9.97 -10.30 11.27
N PRO C 25 11.13 -10.90 10.99
CA PRO C 25 11.99 -11.43 12.04
C PRO C 25 12.82 -10.28 12.64
N ASN C 26 13.36 -10.49 13.85
CA ASN C 26 14.44 -9.61 14.39
C ASN C 26 15.79 -10.19 13.93
N LYS C 27 16.86 -9.41 14.09
CA LYS C 27 18.22 -9.76 13.61
C LYS C 27 19.21 -9.41 14.71
N PHE C 28 20.22 -10.25 14.91
CA PHE C 28 21.43 -9.85 15.66
C PHE C 28 22.36 -9.20 14.66
N ARG C 29 22.75 -7.95 14.91
CA ARG C 29 23.66 -7.16 14.04
C ARG C 29 24.99 -6.87 14.78
N ASP C 30 26.14 -7.07 14.11
CA ASP C 30 27.46 -6.74 14.72
C ASP C 30 28.42 -6.43 13.59
N LEU C 31 29.73 -6.33 13.89
CA LEU C 31 30.76 -5.95 12.91
C LEU C 31 30.79 -7.01 11.79
N ARG C 32 30.28 -8.23 11.99
CA ARG C 32 30.41 -9.29 10.95
C ARG C 32 29.25 -9.24 9.95
N GLY C 33 28.12 -8.65 10.33
CA GLY C 33 26.87 -8.75 9.55
C GLY C 33 25.72 -9.16 10.46
N GLU C 34 24.87 -10.07 10.01
CA GLU C 34 23.59 -10.36 10.69
C GLU C 34 23.39 -11.85 10.87
N ILE C 35 22.70 -12.19 11.94
CA ILE C 35 22.15 -13.55 12.16
C ILE C 35 20.65 -13.35 12.35
N TRP C 36 19.85 -14.20 11.72
CA TRP C 36 18.40 -14.17 11.98
C TRP C 36 17.78 -15.52 11.70
N THR C 37 16.63 -15.73 12.33
CA THR C 37 15.80 -16.93 12.13
C THR C 37 14.66 -16.59 11.19
N ALA C 38 14.59 -17.33 10.06
CA ALA C 38 13.55 -17.28 9.01
C ALA C 38 12.31 -18.09 9.41
N PHE C 39 12.48 -19.15 10.20
CA PHE C 39 11.42 -20.13 10.49
C PHE C 39 11.81 -21.03 11.65
N THR C 40 10.87 -21.24 12.57
CA THR C 40 10.83 -22.40 13.49
C THR C 40 9.44 -23.04 13.42
N ASP C 41 9.40 -24.36 13.58
CA ASP C 41 8.14 -25.13 13.83
C ASP C 41 7.35 -24.46 14.95
N GLU C 42 7.99 -24.21 16.09
CA GLU C 42 7.33 -23.68 17.31
C GLU C 42 6.54 -22.43 16.93
N TYR C 43 7.14 -21.49 16.18
CA TYR C 43 6.59 -20.13 15.99
C TYR C 43 5.73 -20.04 14.72
N LEU C 44 6.00 -20.82 13.68
CA LEU C 44 5.36 -20.56 12.36
C LEU C 44 4.65 -21.80 11.79
N SER C 45 4.66 -22.96 12.45
CA SER C 45 3.88 -24.15 11.98
C SER C 45 2.40 -23.79 11.94
N LYS C 46 1.92 -22.96 12.87
CA LYS C 46 0.51 -22.51 13.01
C LYS C 46 0.06 -21.59 11.85
N LEU C 47 0.94 -21.14 10.97
CA LEU C 47 0.53 -20.33 9.79
C LEU C 47 -0.34 -21.17 8.85
N VAL C 48 -0.46 -22.46 9.14
CA VAL C 48 -0.78 -23.50 8.13
C VAL C 48 -1.64 -24.54 8.83
N PRO C 49 -2.64 -25.16 8.16
CA PRO C 49 -3.51 -26.12 8.82
C PRO C 49 -2.77 -27.29 9.49
N ASP C 50 -3.29 -27.74 10.63
CA ASP C 50 -2.79 -28.92 11.38
C ASP C 50 -2.50 -30.04 10.38
N GLY C 51 -1.31 -30.65 10.51
CA GLY C 51 -0.89 -31.85 9.76
C GLY C 51 -0.43 -31.54 8.35
N ILE C 52 -0.34 -30.26 7.94
CA ILE C 52 0.35 -29.84 6.69
C ILE C 52 1.70 -29.24 7.11
N LYS C 53 2.79 -29.87 6.66
CA LYS C 53 4.14 -29.56 7.17
C LYS C 53 4.96 -28.86 6.08
N PHE C 54 5.76 -27.88 6.49
CA PHE C 54 6.88 -27.34 5.69
C PHE C 54 7.95 -28.42 5.59
N LYS C 55 7.97 -29.15 4.47
CA LYS C 55 8.83 -30.34 4.29
C LYS C 55 9.78 -30.12 3.11
N HIS C 56 9.83 -28.92 2.55
CA HIS C 56 10.52 -28.67 1.27
C HIS C 56 11.03 -27.22 1.22
N ASP C 57 12.34 -27.06 1.07
CA ASP C 57 13.04 -25.75 1.05
C ASP C 57 13.78 -25.62 -0.28
N LYS C 58 13.68 -24.44 -0.89
CA LYS C 58 14.26 -24.18 -2.24
C LYS C 58 14.98 -22.83 -2.23
N PHE C 59 15.99 -22.69 -3.09
CA PHE C 59 16.61 -21.39 -3.41
C PHE C 59 16.51 -21.17 -4.91
N ILE C 60 16.16 -19.94 -5.28
CA ILE C 60 16.04 -19.45 -6.67
C ILE C 60 16.92 -18.21 -6.80
N ASN C 61 18.01 -18.33 -7.53
CA ASN C 61 18.94 -17.22 -7.78
C ASN C 61 18.60 -16.65 -9.14
N SER C 62 18.37 -15.33 -9.25
CA SER C 62 18.02 -14.71 -10.53
C SER C 62 18.86 -13.45 -10.76
N HIS C 63 19.08 -13.17 -12.03
CA HIS C 63 19.78 -11.96 -12.53
C HIS C 63 18.88 -10.74 -12.38
N PHE C 64 19.48 -9.55 -12.38
CA PHE C 64 18.78 -8.26 -12.60
C PHE C 64 17.74 -8.42 -13.72
N ASN C 65 16.57 -7.83 -13.51
CA ASN C 65 15.54 -7.63 -14.56
C ASN C 65 14.76 -8.94 -14.81
N VAL C 66 15.06 -10.01 -14.09
CA VAL C 66 14.27 -11.27 -14.23
C VAL C 66 12.93 -11.02 -13.55
N LEU C 67 11.85 -11.49 -14.19
CA LEU C 67 10.51 -11.59 -13.58
C LEU C 67 10.06 -13.03 -13.73
N ARG C 68 9.76 -13.66 -12.62
CA ARG C 68 9.15 -15.00 -12.55
C ARG C 68 7.71 -14.85 -12.04
N GLY C 69 6.76 -15.41 -12.79
CA GLY C 69 5.35 -15.40 -12.44
C GLY C 69 4.46 -15.11 -13.64
N ILE C 70 3.14 -15.11 -13.38
CA ILE C 70 2.53 -15.29 -12.08
C ILE C 70 2.07 -16.74 -11.93
N HIS C 71 2.48 -17.46 -10.88
CA HIS C 71 2.34 -18.93 -10.74
C HIS C 71 1.65 -19.28 -9.43
N GLY C 72 0.81 -20.31 -9.47
CA GLY C 72 0.18 -20.88 -8.27
C GLY C 72 -0.30 -22.29 -8.53
N ASP C 73 -0.72 -23.01 -7.48
CA ASP C 73 -1.28 -24.37 -7.61
C ASP C 73 -2.32 -24.53 -6.51
N VAL C 74 -3.09 -25.62 -6.54
CA VAL C 74 -4.31 -25.76 -5.69
C VAL C 74 -3.97 -26.27 -4.30
N LYS C 75 -2.72 -26.63 -3.98
CA LYS C 75 -2.45 -27.26 -2.67
C LYS C 75 -1.25 -26.67 -1.92
N THR C 76 -0.38 -25.84 -2.52
CA THR C 76 0.93 -25.50 -1.88
C THR C 76 0.83 -24.19 -1.09
N TYR C 77 1.05 -24.25 0.22
CA TYR C 77 1.30 -23.06 1.08
C TYR C 77 2.78 -22.67 0.91
N LYS C 78 3.06 -21.37 0.83
CA LYS C 78 4.42 -20.89 0.49
C LYS C 78 4.83 -19.81 1.50
N LEU C 79 6.07 -19.91 1.97
CA LEU C 79 6.70 -18.87 2.82
C LEU C 79 7.96 -18.42 2.08
N VAL C 80 7.98 -17.16 1.66
CA VAL C 80 8.95 -16.63 0.68
C VAL C 80 9.62 -15.39 1.25
N THR C 81 10.90 -15.25 0.92
CA THR C 81 11.70 -14.03 1.22
C THR C 81 12.85 -13.99 0.23
N CYS C 82 13.56 -12.88 0.33
CA CYS C 82 14.79 -12.56 -0.41
C CYS C 82 15.92 -12.38 0.60
N VAL C 83 16.98 -13.19 0.51
CA VAL C 83 18.03 -13.26 1.57
C VAL C 83 19.31 -12.60 1.05
N TYR C 84 19.33 -12.21 -0.22
CA TYR C 84 20.39 -11.37 -0.82
C TYR C 84 19.81 -10.57 -1.98
N GLY C 85 20.15 -9.28 -1.99
CA GLY C 85 19.69 -8.34 -3.02
C GLY C 85 18.30 -7.82 -2.75
N GLU C 86 17.56 -7.49 -3.79
CA GLU C 86 16.22 -6.86 -3.69
C GLU C 86 15.25 -7.47 -4.72
N VAL C 87 14.03 -7.80 -4.29
CA VAL C 87 12.97 -8.23 -5.23
C VAL C 87 11.73 -7.38 -4.99
N HIS C 88 10.97 -7.14 -6.05
CA HIS C 88 9.55 -6.72 -5.98
C HIS C 88 8.75 -8.01 -5.90
N GLN C 89 8.39 -8.42 -4.69
CA GLN C 89 7.55 -9.59 -4.41
C GLN C 89 6.09 -9.16 -4.57
N VAL C 90 5.35 -9.81 -5.47
CA VAL C 90 3.92 -9.47 -5.69
C VAL C 90 3.09 -10.73 -5.59
N VAL C 91 2.16 -10.69 -4.63
CA VAL C 91 1.12 -11.71 -4.38
C VAL C 91 -0.13 -11.26 -5.12
N VAL C 92 -0.75 -12.16 -5.86
CA VAL C 92 -2.03 -11.93 -6.59
C VAL C 92 -3.07 -12.89 -6.00
N ASP C 93 -4.27 -12.39 -5.71
CA ASP C 93 -5.41 -13.27 -5.33
C ASP C 93 -5.92 -13.98 -6.58
N CYS C 94 -5.72 -15.29 -6.67
CA CYS C 94 -6.13 -16.12 -7.84
C CYS C 94 -7.25 -17.07 -7.44
N ARG C 95 -7.86 -16.88 -6.26
CA ARG C 95 -9.04 -17.63 -5.79
C ARG C 95 -10.27 -17.03 -6.51
N LYS C 96 -10.89 -17.80 -7.41
CA LYS C 96 -11.99 -17.29 -8.29
C LYS C 96 -13.26 -17.03 -7.45
N ASP C 97 -13.32 -17.59 -6.23
CA ASP C 97 -14.43 -17.39 -5.28
C ASP C 97 -14.07 -16.32 -4.23
N SER C 98 -12.99 -15.57 -4.42
CA SER C 98 -12.56 -14.50 -3.48
C SER C 98 -13.09 -13.14 -3.93
N PRO C 99 -13.62 -12.35 -2.99
CA PRO C 99 -14.01 -10.97 -3.26
C PRO C 99 -12.89 -10.13 -3.90
N THR C 100 -11.62 -10.44 -3.59
CA THR C 100 -10.43 -9.68 -4.05
C THR C 100 -9.75 -10.45 -5.18
N TYR C 101 -10.49 -11.25 -5.96
CA TYR C 101 -9.92 -11.97 -7.13
C TYR C 101 -9.18 -10.93 -7.98
N LEU C 102 -7.91 -11.22 -8.25
CA LEU C 102 -6.97 -10.46 -9.11
C LEU C 102 -6.60 -9.10 -8.51
N LYS C 103 -6.89 -8.87 -7.21
CA LYS C 103 -6.20 -7.82 -6.43
C LYS C 103 -4.79 -8.34 -6.11
N TRP C 104 -3.87 -7.44 -5.79
CA TRP C 104 -2.43 -7.75 -5.66
C TRP C 104 -1.83 -6.82 -4.60
N GLU C 105 -0.71 -7.24 -4.02
CA GLU C 105 0.08 -6.40 -3.08
C GLU C 105 1.57 -6.68 -3.32
N LYS C 106 2.37 -5.63 -3.34
CA LYS C 106 3.83 -5.68 -3.52
C LYS C 106 4.52 -5.50 -2.17
N PHE C 107 5.58 -6.28 -1.96
CA PHE C 107 6.54 -6.19 -0.84
C PHE C 107 7.93 -6.10 -1.46
N ILE C 108 8.65 -5.02 -1.22
CA ILE C 108 10.00 -4.86 -1.81
C ILE C 108 10.94 -5.36 -0.73
N ILE C 109 11.40 -6.59 -0.87
CA ILE C 109 12.13 -7.29 0.22
C ILE C 109 13.64 -7.10 -0.01
N SER C 110 14.36 -6.69 1.03
CA SER C 110 15.81 -6.43 0.90
C SER C 110 16.47 -6.41 2.26
N TYR C 111 17.77 -6.12 2.28
CA TYR C 111 18.58 -5.94 3.52
C TYR C 111 17.82 -5.05 4.52
N LYS C 112 17.09 -4.05 4.05
CA LYS C 112 16.43 -3.06 4.95
C LYS C 112 14.92 -3.34 5.09
N ASN C 113 14.38 -4.36 4.43
CA ASN C 113 12.96 -4.74 4.66
C ASN C 113 12.90 -6.26 4.60
N GLN C 114 13.25 -6.91 5.70
CA GLN C 114 13.33 -8.38 5.78
C GLN C 114 11.96 -8.93 6.18
N GLN C 115 11.13 -9.17 5.21
CA GLN C 115 9.79 -9.77 5.42
C GLN C 115 9.76 -11.14 4.78
N LEU C 116 9.10 -12.08 5.44
CA LEU C 116 8.67 -13.32 4.80
C LEU C 116 7.17 -13.21 4.58
N ILE C 117 6.69 -13.68 3.41
CA ILE C 117 5.27 -13.63 3.00
C ILE C 117 4.72 -15.06 2.99
N LEU C 118 3.62 -15.29 3.71
CA LEU C 118 2.88 -16.57 3.76
C LEU C 118 1.73 -16.49 2.77
N LEU C 119 1.78 -17.31 1.72
CA LEU C 119 0.74 -17.42 0.67
C LEU C 119 0.01 -18.73 0.93
N PRO C 120 -1.34 -18.71 1.04
CA PRO C 120 -2.10 -19.97 1.06
C PRO C 120 -2.16 -20.43 -0.39
N PRO C 121 -2.70 -21.64 -0.66
CA PRO C 121 -2.88 -22.09 -2.04
C PRO C 121 -3.85 -21.22 -2.87
N ASN C 122 -3.82 -21.43 -4.18
CA ASN C 122 -4.66 -20.76 -5.21
C ASN C 122 -4.32 -19.28 -5.30
N MET C 123 -3.12 -18.87 -4.87
CA MET C 123 -2.68 -17.47 -5.00
C MET C 123 -1.63 -17.40 -6.10
N GLY C 124 -1.50 -16.25 -6.74
CA GLY C 124 -0.45 -15.98 -7.72
C GLY C 124 0.82 -15.47 -7.05
N ASN C 125 1.93 -16.18 -7.25
CA ASN C 125 3.25 -15.74 -6.73
C ASN C 125 4.07 -15.20 -7.89
N SER C 126 4.83 -14.14 -7.63
CA SER C 126 5.68 -13.46 -8.62
C SER C 126 6.78 -12.68 -7.89
N HIS C 127 7.95 -12.58 -8.49
CA HIS C 127 8.97 -11.60 -8.06
C HIS C 127 9.77 -11.08 -9.25
N TYR C 128 10.23 -9.85 -9.10
CA TYR C 128 11.11 -9.12 -10.03
C TYR C 128 12.37 -8.69 -9.27
N VAL C 129 13.53 -8.93 -9.89
CA VAL C 129 14.89 -8.67 -9.33
C VAL C 129 15.30 -7.23 -9.69
N SER C 130 15.35 -6.36 -8.67
CA SER C 130 15.72 -4.94 -8.83
C SER C 130 17.22 -4.75 -8.55
N SER C 131 17.88 -5.77 -7.99
CA SER C 131 19.33 -5.75 -7.63
C SER C 131 20.13 -6.41 -8.75
N ALA C 132 21.47 -6.38 -8.67
CA ALA C 132 22.37 -7.02 -9.65
C ALA C 132 21.99 -8.50 -9.76
N ALA C 133 21.76 -9.14 -8.62
CA ALA C 133 21.26 -10.52 -8.51
C ALA C 133 20.46 -10.64 -7.20
N ALA C 134 19.58 -11.62 -7.10
CA ALA C 134 18.84 -11.86 -5.84
C ALA C 134 18.84 -13.35 -5.56
N VAL C 135 18.77 -13.69 -4.27
CA VAL C 135 18.56 -15.07 -3.80
C VAL C 135 17.19 -15.09 -3.13
N TYR C 136 16.28 -15.86 -3.70
CA TYR C 136 14.91 -16.02 -3.18
C TYR C 136 14.85 -17.35 -2.45
N TYR C 137 14.45 -17.30 -1.18
CA TYR C 137 14.22 -18.47 -0.32
C TYR C 137 12.72 -18.77 -0.27
N TYR C 138 12.41 -20.05 -0.49
CA TYR C 138 11.05 -20.54 -0.80
C TYR C 138 10.83 -21.82 0.02
N LYS C 139 10.00 -21.70 1.06
CA LYS C 139 9.57 -22.84 1.90
C LYS C 139 8.18 -23.27 1.40
N LEU C 140 8.00 -24.58 1.22
CA LEU C 140 6.71 -25.16 0.75
C LEU C 140 6.11 -26.02 1.87
N ALA C 141 4.81 -25.88 2.09
CA ALA C 141 4.04 -26.84 2.91
C ALA C 141 2.90 -27.42 2.06
N TYR C 142 2.89 -28.74 1.90
CA TYR C 142 1.90 -29.44 1.06
C TYR C 142 1.81 -30.91 1.47
N GLU C 143 0.66 -31.51 1.16
CA GLU C 143 0.39 -32.98 1.27
C GLU C 143 0.74 -33.58 -0.08
N GLY C 144 1.41 -34.73 -0.09
CA GLY C 144 1.67 -35.53 -1.30
C GLY C 144 2.78 -34.96 -2.15
N GLU C 145 2.64 -35.09 -3.47
CA GLU C 145 3.72 -34.87 -4.46
C GLU C 145 3.86 -33.39 -4.81
N TYR C 146 5.07 -33.00 -5.17
CA TYR C 146 5.42 -31.64 -5.62
C TYR C 146 4.51 -31.29 -6.82
N MET C 147 3.90 -30.11 -6.82
CA MET C 147 3.18 -29.60 -8.01
C MET C 147 4.18 -28.84 -8.87
N ASP C 148 4.69 -29.53 -9.90
CA ASP C 148 5.62 -28.95 -10.89
C ASP C 148 4.80 -28.13 -11.90
N ALA C 149 5.49 -27.49 -12.84
CA ALA C 149 4.92 -26.51 -13.80
C ALA C 149 3.65 -27.05 -14.45
N PRO C 150 3.63 -28.31 -14.97
CA PRO C 150 2.44 -28.86 -15.62
C PRO C 150 1.18 -28.84 -14.76
N ASP C 151 1.32 -28.88 -13.42
CA ASP C 151 0.19 -28.86 -12.45
C ASP C 151 0.11 -27.48 -11.78
N GLN C 152 0.73 -26.45 -12.34
CA GLN C 152 0.54 -25.04 -11.90
C GLN C 152 -0.25 -24.26 -12.95
N PHE C 153 -1.02 -23.26 -12.52
CA PHE C 153 -1.59 -22.23 -13.40
C PHE C 153 -0.61 -21.08 -13.57
N THR C 154 -0.84 -20.28 -14.60
CA THR C 154 0.03 -19.15 -14.97
C THR C 154 -0.86 -18.00 -15.44
N TYR C 155 -0.71 -16.82 -14.80
CA TYR C 155 -1.28 -15.54 -15.29
C TYR C 155 -0.15 -14.66 -15.83
N ALA C 156 -0.46 -13.86 -16.83
CA ALA C 156 0.53 -12.97 -17.45
C ALA C 156 0.98 -11.94 -16.40
N TRP C 157 2.29 -11.74 -16.29
CA TRP C 157 2.92 -10.74 -15.39
C TRP C 157 2.23 -9.39 -15.61
N ASN C 158 1.94 -9.02 -16.87
CA ASN C 158 1.29 -7.74 -17.25
C ASN C 158 -0.21 -7.94 -17.57
N ASP C 159 -0.91 -8.94 -17.01
CA ASP C 159 -2.36 -9.13 -17.21
C ASP C 159 -3.10 -7.84 -16.83
N GLU C 160 -3.89 -7.30 -17.76
CA GLU C 160 -4.53 -5.97 -17.58
C GLU C 160 -5.60 -6.02 -16.50
N ARG C 161 -6.18 -7.18 -16.19
CA ARG C 161 -7.18 -7.25 -15.10
C ARG C 161 -6.45 -7.11 -13.77
N ILE C 162 -5.17 -7.47 -13.73
CA ILE C 162 -4.40 -7.44 -12.46
C ILE C 162 -3.85 -6.02 -12.30
N GLY C 163 -3.17 -5.50 -13.33
CA GLY C 163 -2.59 -4.15 -13.35
C GLY C 163 -1.50 -3.94 -12.30
N ILE C 164 -0.53 -4.86 -12.22
CA ILE C 164 0.66 -4.67 -11.34
C ILE C 164 1.52 -3.52 -11.87
N ASP C 165 1.97 -2.65 -10.96
CA ASP C 165 3.06 -1.67 -11.19
C ASP C 165 4.40 -2.42 -11.03
N TRP C 166 5.05 -2.70 -12.16
CA TRP C 166 6.42 -3.26 -12.23
C TRP C 166 7.35 -2.14 -12.68
N PRO C 167 8.64 -2.14 -12.28
CA PRO C 167 9.55 -1.08 -12.66
C PRO C 167 10.00 -1.08 -14.13
N THR C 168 9.61 -2.08 -14.91
CA THR C 168 9.98 -2.23 -16.33
C THR C 168 8.81 -2.77 -17.14
N ASN C 169 8.87 -2.50 -18.45
CA ASN C 169 8.02 -3.08 -19.52
C ASN C 169 8.71 -4.26 -20.20
N THR C 170 10.01 -4.46 -19.96
CA THR C 170 10.83 -5.44 -20.71
C THR C 170 11.59 -6.36 -19.75
N PRO C 171 10.89 -7.17 -18.93
CA PRO C 171 11.57 -8.06 -17.99
C PRO C 171 12.13 -9.28 -18.74
N ILE C 172 13.06 -10.00 -18.10
CA ILE C 172 13.57 -11.30 -18.63
C ILE C 172 12.60 -12.38 -18.20
N LEU C 173 12.02 -13.10 -19.17
CA LEU C 173 10.95 -14.08 -18.89
C LEU C 173 11.35 -15.45 -19.44
N SER C 174 10.92 -16.50 -18.75
CA SER C 174 10.89 -17.89 -19.26
C SER C 174 9.89 -17.95 -20.41
N ASP C 175 10.05 -18.93 -21.31
CA ASP C 175 9.07 -19.18 -22.39
C ASP C 175 7.67 -19.39 -21.76
N ARG C 176 7.58 -20.06 -20.61
CA ARG C 176 6.28 -20.23 -19.89
C ARG C 176 5.61 -18.87 -19.66
N ASP C 177 6.39 -17.90 -19.20
CA ASP C 177 5.84 -16.61 -18.68
C ASP C 177 5.56 -15.69 -19.87
N ILE C 178 6.36 -15.82 -20.93
CA ILE C 178 6.09 -15.15 -22.23
C ILE C 178 4.76 -15.66 -22.81
N LEU C 179 4.54 -16.97 -22.78
CA LEU C 179 3.40 -17.57 -23.49
C LEU C 179 2.10 -17.08 -22.85
N ALA C 180 2.11 -16.86 -21.53
CA ALA C 180 0.93 -16.39 -20.76
C ALA C 180 0.40 -15.06 -21.35
N THR C 181 1.29 -14.23 -21.91
CA THR C 181 0.98 -12.91 -22.55
C THR C 181 0.40 -13.17 -23.95
N MET D 5 12.41 -32.19 -14.96
CA MET D 5 13.68 -32.43 -14.20
C MET D 5 13.37 -32.80 -12.74
N ALA D 6 13.66 -34.05 -12.35
CA ALA D 6 13.47 -34.59 -10.99
C ALA D 6 14.49 -33.96 -10.03
N ILE D 7 14.11 -33.75 -8.76
CA ILE D 7 15.01 -33.27 -7.68
C ILE D 7 15.91 -34.44 -7.26
N GLU D 8 17.22 -34.22 -7.33
CA GLU D 8 18.26 -35.27 -7.09
C GLU D 8 19.25 -34.74 -6.05
N PHE D 9 19.81 -35.63 -5.25
CA PHE D 9 20.95 -35.34 -4.35
C PHE D 9 22.03 -36.39 -4.54
N ASP D 10 23.24 -35.98 -4.94
CA ASP D 10 24.48 -36.78 -4.79
C ASP D 10 24.88 -36.69 -3.31
N ILE D 11 25.09 -37.83 -2.65
CA ILE D 11 25.53 -37.88 -1.22
C ILE D 11 26.80 -38.70 -1.14
N GLN D 12 27.77 -38.22 -0.37
CA GLN D 12 28.92 -39.07 0.05
C GLN D 12 29.27 -38.69 1.48
N GLU D 13 29.78 -39.65 2.23
CA GLU D 13 30.43 -39.43 3.54
C GLU D 13 31.82 -38.82 3.27
N SER D 14 32.23 -37.83 4.08
CA SER D 14 33.65 -37.45 4.25
C SER D 14 34.52 -38.73 4.27
N LYS D 15 35.63 -38.71 3.54
CA LYS D 15 36.74 -39.68 3.68
C LYS D 15 37.62 -39.32 4.90
N ILE D 16 37.40 -38.15 5.53
CA ILE D 16 38.25 -37.65 6.65
C ILE D 16 37.50 -37.72 7.99
N LEU D 17 36.25 -37.28 8.04
CA LEU D 17 35.49 -37.20 9.31
C LEU D 17 34.27 -38.11 9.24
N LYS D 18 34.27 -39.17 10.03
CA LYS D 18 33.15 -40.12 10.10
C LYS D 18 31.87 -39.36 10.55
N GLY D 19 30.79 -39.55 9.81
CA GLY D 19 29.46 -39.01 10.13
C GLY D 19 29.19 -37.65 9.50
N VAL D 20 30.17 -37.06 8.78
CA VAL D 20 29.99 -35.77 8.04
C VAL D 20 29.57 -36.13 6.60
N TYR D 21 28.43 -35.60 6.14
CA TYR D 21 27.90 -35.93 4.78
C TYR D 21 27.97 -34.69 3.89
N ILE D 22 28.32 -34.93 2.62
CA ILE D 22 28.47 -33.92 1.55
C ILE D 22 27.35 -34.15 0.53
N ILE D 23 26.40 -33.22 0.47
CA ILE D 23 25.13 -33.29 -0.31
C ILE D 23 25.26 -32.31 -1.48
N THR D 24 25.15 -32.79 -2.72
CA THR D 24 25.14 -31.95 -3.94
C THR D 24 23.77 -32.08 -4.58
N PRO D 25 22.90 -31.05 -4.51
CA PRO D 25 21.62 -31.09 -5.20
C PRO D 25 21.84 -30.82 -6.70
N ASN D 26 20.90 -31.23 -7.57
CA ASN D 26 20.97 -30.77 -8.98
C ASN D 26 20.25 -29.41 -9.02
N LYS D 27 20.35 -28.74 -10.16
CA LYS D 27 19.82 -27.38 -10.37
C LYS D 27 19.17 -27.34 -11.75
N PHE D 28 18.03 -26.68 -11.84
CA PHE D 28 17.52 -26.17 -13.14
C PHE D 28 18.22 -24.85 -13.44
N ARG D 29 18.86 -24.77 -14.59
CA ARG D 29 19.56 -23.56 -15.09
C ARG D 29 18.87 -23.06 -16.38
N ASP D 30 18.55 -21.77 -16.47
CA ASP D 30 18.05 -21.13 -17.71
C ASP D 30 18.57 -19.69 -17.73
N LEU D 31 18.04 -18.89 -18.65
CA LEU D 31 18.49 -17.50 -18.86
C LEU D 31 18.27 -16.67 -17.59
N ARG D 32 17.41 -17.12 -16.67
CA ARG D 32 17.01 -16.33 -15.49
C ARG D 32 18.00 -16.60 -14.32
N GLY D 33 18.61 -17.79 -14.30
CA GLY D 33 19.45 -18.23 -13.18
C GLY D 33 19.13 -19.65 -12.80
N GLU D 34 18.96 -19.93 -11.51
CA GLU D 34 18.88 -21.35 -11.05
C GLU D 34 17.79 -21.53 -10.01
N ILE D 35 17.23 -22.73 -10.03
CA ILE D 35 16.24 -23.26 -9.05
C ILE D 35 16.83 -24.57 -8.52
N TRP D 36 16.88 -24.74 -7.21
CA TRP D 36 17.30 -26.04 -6.63
C TRP D 36 16.69 -26.20 -5.25
N THR D 37 16.54 -27.45 -4.84
CA THR D 37 16.01 -27.87 -3.53
C THR D 37 17.19 -28.10 -2.58
N ALA D 38 17.17 -27.44 -1.42
CA ALA D 38 18.20 -27.53 -0.37
C ALA D 38 17.85 -28.66 0.60
N PHE D 39 16.56 -28.93 0.75
CA PHE D 39 16.05 -29.79 1.86
C PHE D 39 14.68 -30.35 1.50
N THR D 40 14.48 -31.66 1.71
CA THR D 40 13.15 -32.27 1.92
C THR D 40 13.21 -33.08 3.20
N ASP D 41 12.09 -33.17 3.91
CA ASP D 41 11.94 -34.00 5.13
C ASP D 41 12.32 -35.44 4.80
N GLU D 42 11.88 -35.94 3.64
CA GLU D 42 12.00 -37.36 3.24
C GLU D 42 13.49 -37.73 3.24
N TYR D 43 14.27 -36.95 2.50
CA TYR D 43 15.65 -37.30 2.14
C TYR D 43 16.59 -37.07 3.33
N LEU D 44 16.33 -36.10 4.22
CA LEU D 44 17.22 -35.87 5.41
C LEU D 44 16.83 -36.78 6.59
N SER D 45 15.56 -37.15 6.70
CA SER D 45 15.08 -38.20 7.65
C SER D 45 15.91 -39.48 7.49
N LYS D 46 16.49 -39.74 6.31
CA LYS D 46 17.33 -40.94 6.03
C LYS D 46 18.70 -40.84 6.70
N LEU D 47 19.18 -39.64 7.05
CA LEU D 47 20.61 -39.37 7.40
C LEU D 47 20.81 -39.07 8.89
N VAL D 48 19.74 -38.95 9.66
CA VAL D 48 19.78 -38.65 11.12
C VAL D 48 18.91 -39.68 11.82
N PRO D 49 19.17 -39.99 13.11
CA PRO D 49 18.32 -40.93 13.84
C PRO D 49 16.83 -40.57 13.83
N ASP D 50 15.99 -41.59 14.00
CA ASP D 50 14.52 -41.43 14.22
C ASP D 50 14.30 -40.36 15.28
N GLY D 51 13.24 -39.57 15.14
CA GLY D 51 12.87 -38.58 16.15
C GLY D 51 13.43 -37.21 15.83
N ILE D 52 14.63 -37.13 15.25
CA ILE D 52 15.33 -35.83 15.06
C ILE D 52 14.79 -35.15 13.81
N LYS D 53 14.20 -33.98 13.98
CA LYS D 53 13.52 -33.23 12.89
C LYS D 53 14.23 -31.89 12.70
N PHE D 54 14.46 -31.49 11.44
CA PHE D 54 14.94 -30.13 11.13
C PHE D 54 13.78 -29.16 11.32
N LYS D 55 13.89 -28.27 12.32
CA LYS D 55 12.74 -27.47 12.81
C LYS D 55 13.09 -25.98 12.88
N HIS D 56 14.25 -25.55 12.39
CA HIS D 56 14.79 -24.19 12.65
C HIS D 56 15.66 -23.79 11.45
N ASP D 57 15.24 -22.75 10.74
CA ASP D 57 15.95 -22.18 9.58
C ASP D 57 16.61 -20.87 10.02
N LYS D 58 17.91 -20.70 9.68
CA LYS D 58 18.67 -19.45 9.98
C LYS D 58 19.43 -18.98 8.74
N PHE D 59 19.61 -17.68 8.64
CA PHE D 59 20.48 -17.02 7.64
C PHE D 59 21.51 -16.15 8.36
N ILE D 60 22.75 -16.28 7.92
CA ILE D 60 23.90 -15.50 8.44
C ILE D 60 24.53 -14.79 7.25
N ASN D 61 24.38 -13.49 7.20
CA ASN D 61 25.00 -12.65 6.13
C ASN D 61 26.26 -12.04 6.74
N SER D 62 27.42 -12.19 6.10
CA SER D 62 28.72 -11.74 6.63
C SER D 62 29.49 -11.06 5.51
N HIS D 63 30.24 -10.03 5.87
CA HIS D 63 31.15 -9.30 4.97
C HIS D 63 32.34 -10.18 4.59
N PHE D 64 32.97 -9.82 3.48
CA PHE D 64 34.38 -10.19 3.18
C PHE D 64 35.23 -10.21 4.45
N ASN D 65 35.98 -11.31 4.64
CA ASN D 65 37.10 -11.45 5.60
C ASN D 65 36.55 -11.84 6.98
N VAL D 66 35.25 -12.04 7.10
CA VAL D 66 34.63 -12.53 8.36
C VAL D 66 34.94 -14.02 8.52
N LEU D 67 35.30 -14.40 9.74
CA LEU D 67 35.44 -15.80 10.14
C LEU D 67 34.57 -15.97 11.38
N ARG D 68 33.66 -16.94 11.33
CA ARG D 68 32.82 -17.35 12.47
C ARG D 68 33.20 -18.77 12.87
N GLY D 69 33.47 -19.03 14.15
CA GLY D 69 33.87 -20.36 14.61
C GLY D 69 35.02 -20.30 15.62
N ILE D 70 35.53 -21.49 16.00
CA ILE D 70 34.94 -22.79 15.76
C ILE D 70 33.93 -23.08 16.87
N HIS D 71 32.68 -23.41 16.50
CA HIS D 71 31.53 -23.51 17.43
C HIS D 71 30.78 -24.84 17.28
N GLY D 72 30.33 -25.38 18.40
CA GLY D 72 29.52 -26.60 18.46
C GLY D 72 28.74 -26.67 19.75
N ASP D 73 27.86 -27.66 19.84
CA ASP D 73 27.09 -27.96 21.06
C ASP D 73 26.79 -29.44 21.06
N VAL D 74 26.36 -29.96 22.19
CA VAL D 74 26.29 -31.43 22.41
C VAL D 74 25.03 -32.05 21.78
N LYS D 75 24.10 -31.28 21.22
CA LYS D 75 22.79 -31.87 20.81
C LYS D 75 22.36 -31.51 19.38
N THR D 76 22.98 -30.57 18.69
CA THR D 76 22.38 -29.95 17.48
C THR D 76 22.96 -30.55 16.20
N TYR D 77 22.10 -31.13 15.37
CA TYR D 77 22.45 -31.55 13.99
C TYR D 77 22.32 -30.33 13.09
N LYS D 78 23.26 -30.17 12.17
CA LYS D 78 23.33 -28.96 11.33
C LYS D 78 23.42 -29.35 9.85
N LEU D 79 22.63 -28.67 9.02
CA LEU D 79 22.77 -28.72 7.56
C LEU D 79 23.10 -27.31 7.12
N VAL D 80 24.24 -27.11 6.46
CA VAL D 80 24.75 -25.75 6.14
C VAL D 80 25.18 -25.68 4.68
N THR D 81 25.01 -24.50 4.08
CA THR D 81 25.52 -24.20 2.73
C THR D 81 25.67 -22.69 2.60
N CYS D 82 26.25 -22.26 1.49
CA CYS D 82 26.36 -20.85 1.11
C CYS D 82 25.55 -20.60 -0.19
N VAL D 83 24.60 -19.68 -0.11
CA VAL D 83 23.55 -19.53 -1.15
C VAL D 83 23.85 -18.26 -1.94
N TYR D 84 24.75 -17.42 -1.44
CA TYR D 84 25.34 -16.32 -2.23
C TYR D 84 26.78 -16.12 -1.79
N GLY D 85 27.64 -15.80 -2.75
CA GLY D 85 29.07 -15.58 -2.49
C GLY D 85 29.79 -16.88 -2.26
N GLU D 86 30.88 -16.83 -1.49
CA GLU D 86 31.78 -17.99 -1.33
C GLU D 86 32.25 -18.07 0.11
N VAL D 87 32.14 -19.24 0.72
CA VAL D 87 32.75 -19.44 2.06
C VAL D 87 33.79 -20.56 1.98
N HIS D 88 34.83 -20.43 2.80
CA HIS D 88 35.69 -21.55 3.23
C HIS D 88 34.96 -22.18 4.40
N GLN D 89 34.23 -23.25 4.13
CA GLN D 89 33.47 -23.99 5.16
C GLN D 89 34.47 -24.98 5.75
N VAL D 90 34.72 -24.94 7.05
CA VAL D 90 35.66 -25.89 7.69
C VAL D 90 34.93 -26.60 8.80
N VAL D 91 34.86 -27.92 8.71
CA VAL D 91 34.29 -28.77 9.80
C VAL D 91 35.48 -29.29 10.62
N VAL D 92 35.35 -29.32 11.95
CA VAL D 92 36.38 -29.84 12.89
C VAL D 92 35.71 -30.97 13.67
N ASP D 93 36.41 -32.10 13.76
CA ASP D 93 35.96 -33.20 14.64
C ASP D 93 36.27 -32.78 16.08
N CYS D 94 35.25 -32.50 16.87
CA CYS D 94 35.37 -32.07 18.29
C CYS D 94 34.82 -33.15 19.21
N ARG D 95 34.71 -34.39 18.71
CA ARG D 95 34.35 -35.61 19.49
C ARG D 95 35.67 -36.16 20.10
N LYS D 96 35.84 -36.00 21.42
CA LYS D 96 37.10 -36.33 22.15
C LYS D 96 37.36 -37.85 22.08
N ASP D 97 36.31 -38.66 21.96
CA ASP D 97 36.43 -40.14 21.89
C ASP D 97 36.55 -40.59 20.44
N SER D 98 36.75 -39.67 19.49
CA SER D 98 36.84 -40.00 18.05
C SER D 98 38.31 -40.13 17.69
N PRO D 99 38.66 -41.12 16.86
CA PRO D 99 40.03 -41.24 16.38
C PRO D 99 40.53 -39.96 15.69
N THR D 100 39.65 -39.15 15.08
CA THR D 100 40.04 -37.98 14.25
C THR D 100 39.73 -36.69 15.01
N TYR D 101 39.74 -36.71 16.34
CA TYR D 101 39.65 -35.49 17.20
C TYR D 101 40.63 -34.42 16.68
N LEU D 102 40.05 -33.25 16.37
CA LEU D 102 40.74 -32.02 15.95
C LEU D 102 41.36 -32.17 14.57
N LYS D 103 40.99 -33.20 13.81
CA LYS D 103 41.19 -33.19 12.35
C LYS D 103 40.05 -32.34 11.75
N TRP D 104 40.24 -31.92 10.50
CA TRP D 104 39.30 -30.95 9.87
C TRP D 104 39.24 -31.21 8.38
N GLU D 105 38.19 -30.68 7.74
CA GLU D 105 38.01 -30.70 6.27
C GLU D 105 37.38 -29.37 5.82
N LYS D 106 37.91 -28.80 4.74
CA LYS D 106 37.41 -27.59 4.06
C LYS D 106 36.54 -27.97 2.86
N PHE D 107 35.44 -27.24 2.70
CA PHE D 107 34.53 -27.25 1.53
C PHE D 107 34.43 -25.79 1.09
N ILE D 108 34.87 -25.47 -0.12
CA ILE D 108 34.79 -24.07 -0.58
C ILE D 108 33.48 -23.95 -1.36
N ILE D 109 32.44 -23.43 -0.69
CA ILE D 109 31.05 -23.55 -1.21
C ILE D 109 30.72 -22.23 -1.88
N SER D 110 30.23 -22.31 -3.12
CA SER D 110 29.91 -21.15 -3.98
C SER D 110 28.90 -21.56 -5.05
N TYR D 111 28.65 -20.67 -6.00
CA TYR D 111 27.78 -20.88 -7.18
C TYR D 111 28.26 -22.12 -7.95
N LYS D 112 29.57 -22.40 -7.92
CA LYS D 112 30.14 -23.45 -8.78
C LYS D 112 30.40 -24.72 -7.97
N ASN D 113 30.20 -24.72 -6.65
CA ASN D 113 30.31 -25.93 -5.79
C ASN D 113 29.20 -25.86 -4.75
N GLN D 114 27.96 -26.21 -5.12
CA GLN D 114 26.78 -26.03 -4.24
C GLN D 114 26.63 -27.24 -3.33
N GLN D 115 27.54 -27.42 -2.38
CA GLN D 115 27.43 -28.52 -1.41
C GLN D 115 26.69 -28.03 -0.17
N LEU D 116 25.88 -28.91 0.39
CA LEU D 116 25.36 -28.81 1.78
C LEU D 116 26.10 -29.87 2.60
N ILE D 117 26.48 -29.48 3.82
CA ILE D 117 27.25 -30.33 4.76
C ILE D 117 26.34 -30.62 5.94
N LEU D 118 26.19 -31.91 6.24
CA LEU D 118 25.43 -32.38 7.40
C LEU D 118 26.44 -32.76 8.47
N LEU D 119 26.35 -32.08 9.61
CA LEU D 119 27.21 -32.28 10.80
C LEU D 119 26.35 -32.93 11.88
N PRO D 120 26.83 -34.00 12.54
CA PRO D 120 26.18 -34.47 13.75
C PRO D 120 26.56 -33.53 14.88
N PRO D 121 25.94 -33.67 16.07
CA PRO D 121 26.35 -32.88 17.23
C PRO D 121 27.81 -33.13 17.62
N ASN D 122 28.35 -32.22 18.45
CA ASN D 122 29.72 -32.27 19.02
C ASN D 122 30.79 -32.13 17.94
N MET D 123 30.44 -31.47 16.83
CA MET D 123 31.43 -31.07 15.81
C MET D 123 31.65 -29.56 15.91
N GLY D 124 32.84 -29.14 15.51
CA GLY D 124 33.23 -27.74 15.31
C GLY D 124 32.84 -27.27 13.93
N ASN D 125 31.95 -26.28 13.87
CA ASN D 125 31.52 -25.63 12.61
C ASN D 125 32.16 -24.25 12.49
N SER D 126 32.56 -23.88 11.29
CA SER D 126 33.26 -22.60 11.07
C SER D 126 33.13 -22.24 9.61
N HIS D 127 33.16 -20.96 9.29
CA HIS D 127 33.30 -20.53 7.89
C HIS D 127 33.94 -19.16 7.84
N TYR D 128 34.64 -18.96 6.73
CA TYR D 128 35.35 -17.74 6.35
C TYR D 128 34.74 -17.26 5.04
N VAL D 129 34.45 -15.96 4.95
CA VAL D 129 33.87 -15.30 3.75
C VAL D 129 35.00 -14.81 2.82
N SER D 130 35.15 -15.44 1.67
CA SER D 130 36.15 -15.07 0.64
C SER D 130 35.56 -14.14 -0.43
N SER D 131 34.23 -14.03 -0.54
CA SER D 131 33.51 -13.12 -1.47
C SER D 131 33.31 -11.74 -0.82
N ALA D 132 32.80 -10.74 -1.57
CA ALA D 132 32.51 -9.37 -1.07
C ALA D 132 31.53 -9.50 0.12
N ALA D 133 30.60 -10.43 0.03
CA ALA D 133 29.70 -10.82 1.14
C ALA D 133 29.19 -12.22 0.86
N ALA D 134 28.66 -12.88 1.87
CA ALA D 134 28.14 -14.23 1.69
C ALA D 134 26.88 -14.39 2.50
N VAL D 135 25.99 -15.24 1.98
CA VAL D 135 24.79 -15.67 2.73
C VAL D 135 24.95 -17.14 3.02
N TYR D 136 24.89 -17.46 4.30
CA TYR D 136 25.08 -18.80 4.86
C TYR D 136 23.73 -19.25 5.36
N TYR D 137 23.26 -20.36 4.80
CA TYR D 137 21.99 -21.02 5.17
C TYR D 137 22.28 -22.16 6.13
N TYR D 138 21.54 -22.16 7.22
CA TYR D 138 21.78 -23.03 8.39
C TYR D 138 20.42 -23.60 8.81
N LYS D 139 20.23 -24.91 8.64
CA LYS D 139 19.04 -25.68 9.11
C LYS D 139 19.44 -26.51 10.33
N LEU D 140 18.63 -26.49 11.38
CA LEU D 140 18.98 -27.10 12.67
C LEU D 140 17.95 -28.16 13.09
N ALA D 141 18.44 -29.25 13.66
CA ALA D 141 17.61 -30.32 14.28
C ALA D 141 18.16 -30.60 15.67
N TYR D 142 17.33 -30.33 16.67
CA TYR D 142 17.64 -30.50 18.12
C TYR D 142 16.34 -30.78 18.86
N GLU D 143 16.43 -31.58 19.92
CA GLU D 143 15.39 -31.76 20.96
C GLU D 143 15.35 -30.49 21.80
N GLY D 144 14.18 -30.05 22.26
CA GLY D 144 14.07 -29.02 23.31
C GLY D 144 14.56 -27.66 22.84
N GLU D 145 15.19 -26.91 23.73
CA GLU D 145 15.46 -25.45 23.54
C GLU D 145 16.74 -25.25 22.73
N TYR D 146 16.79 -24.15 21.98
CA TYR D 146 17.96 -23.70 21.17
C TYR D 146 19.19 -23.57 22.09
N MET D 147 20.32 -24.16 21.67
CA MET D 147 21.63 -23.93 22.33
C MET D 147 22.22 -22.64 21.77
N ASP D 148 22.06 -21.54 22.51
CA ASP D 148 22.68 -20.23 22.20
C ASP D 148 24.15 -20.26 22.67
N ALA D 149 24.89 -19.17 22.43
CA ALA D 149 26.35 -19.09 22.68
C ALA D 149 26.70 -19.64 24.06
N PRO D 150 25.95 -19.30 25.14
CA PRO D 150 26.32 -19.76 26.48
C PRO D 150 26.37 -21.29 26.61
N ASP D 151 25.64 -22.02 25.76
CA ASP D 151 25.53 -23.50 25.81
C ASP D 151 26.31 -24.12 24.65
N GLN D 152 27.21 -23.37 24.03
CA GLN D 152 28.08 -23.87 22.93
C GLN D 152 29.52 -23.91 23.43
N PHE D 153 30.36 -24.74 22.82
CA PHE D 153 31.83 -24.74 23.06
C PHE D 153 32.46 -23.98 21.89
N THR D 154 33.64 -23.44 22.15
CA THR D 154 34.44 -22.61 21.23
C THR D 154 35.87 -23.12 21.21
N TYR D 155 36.39 -23.47 20.02
CA TYR D 155 37.83 -23.71 19.76
C TYR D 155 38.31 -22.50 18.98
N ALA D 156 39.53 -22.07 19.26
CA ALA D 156 40.18 -20.97 18.52
C ALA D 156 40.24 -21.34 17.05
N TRP D 157 39.90 -20.39 16.19
CA TRP D 157 39.92 -20.55 14.72
C TRP D 157 41.32 -20.98 14.28
N ASN D 158 42.35 -20.45 14.93
CA ASN D 158 43.78 -20.69 14.59
C ASN D 158 44.39 -21.65 15.63
N ASP D 159 43.60 -22.49 16.31
CA ASP D 159 44.14 -23.44 17.31
C ASP D 159 45.29 -24.24 16.67
N GLU D 160 46.48 -24.25 17.29
CA GLU D 160 47.73 -24.89 16.76
C GLU D 160 47.51 -26.39 16.59
N ARG D 161 46.70 -26.98 17.45
CA ARG D 161 46.45 -28.43 17.44
C ARG D 161 45.67 -28.80 16.17
N ILE D 162 44.80 -27.91 15.70
CA ILE D 162 43.87 -28.19 14.59
C ILE D 162 44.62 -27.85 13.30
N GLY D 163 45.26 -26.67 13.26
CA GLY D 163 46.15 -26.28 12.15
C GLY D 163 45.40 -26.14 10.84
N ILE D 164 44.25 -25.42 10.84
CA ILE D 164 43.45 -25.15 9.62
C ILE D 164 44.24 -24.22 8.69
N ASP D 165 44.26 -24.51 7.38
CA ASP D 165 44.74 -23.57 6.34
C ASP D 165 43.64 -22.55 6.03
N TRP D 166 43.79 -21.34 6.52
CA TRP D 166 42.84 -20.23 6.28
C TRP D 166 43.50 -19.28 5.29
N PRO D 167 42.75 -18.56 4.45
CA PRO D 167 43.35 -17.65 3.47
C PRO D 167 43.97 -16.38 4.07
N THR D 168 43.81 -16.14 5.38
CA THR D 168 44.36 -14.94 6.05
C THR D 168 44.82 -15.25 7.47
N ASN D 169 45.67 -14.38 8.03
CA ASN D 169 46.08 -14.32 9.46
C ASN D 169 45.28 -13.27 10.22
N THR D 170 44.55 -12.40 9.52
CA THR D 170 43.77 -11.31 10.15
C THR D 170 42.29 -11.37 9.72
N PRO D 171 41.52 -12.39 10.12
CA PRO D 171 40.06 -12.39 9.90
C PRO D 171 39.35 -11.34 10.77
N ILE D 172 38.16 -10.93 10.33
CA ILE D 172 37.21 -10.17 11.18
C ILE D 172 36.53 -11.18 12.10
N LEU D 173 36.64 -11.00 13.43
CA LEU D 173 36.16 -11.96 14.46
C LEU D 173 35.30 -11.25 15.50
N SER D 174 34.34 -11.96 16.07
CA SER D 174 33.63 -11.52 17.30
C SER D 174 34.63 -11.56 18.46
N ASP D 175 34.27 -10.87 19.53
CA ASP D 175 35.00 -10.92 20.82
C ASP D 175 35.05 -12.38 21.28
N ARG D 176 33.96 -13.13 21.09
CA ARG D 176 33.89 -14.53 21.56
C ARG D 176 35.00 -15.31 20.86
N ASP D 177 35.26 -15.01 19.59
CA ASP D 177 36.15 -15.83 18.71
C ASP D 177 37.60 -15.37 18.85
N ILE D 178 37.82 -14.10 19.21
CA ILE D 178 39.15 -13.58 19.60
C ILE D 178 39.55 -14.16 20.97
N LEU D 179 38.69 -14.06 21.98
CA LEU D 179 39.00 -14.52 23.36
C LEU D 179 39.28 -16.03 23.37
N ALA D 180 38.84 -16.78 22.37
CA ALA D 180 39.12 -18.24 22.29
C ALA D 180 40.60 -18.47 21.92
N THR D 181 41.28 -17.49 21.32
CA THR D 181 42.68 -17.61 20.80
C THR D 181 43.65 -17.49 21.98
N LYS D 182 44.82 -18.09 21.81
CA LYS D 182 45.91 -18.06 22.81
C LYS D 182 46.32 -16.59 23.01
N ASN D 183 46.50 -15.79 21.95
CA ASN D 183 47.06 -14.42 22.08
C ASN D 183 46.02 -13.37 22.53
N LYS D 184 44.72 -13.64 22.41
CA LYS D 184 43.60 -12.78 22.93
C LYS D 184 43.49 -11.47 22.12
N GLY D 185 44.05 -11.46 20.93
CA GLY D 185 44.07 -10.30 20.01
C GLY D 185 44.52 -10.74 18.62
N HIS E 4 -41.69 0.94 -11.28
CA HIS E 4 -42.05 0.86 -12.74
C HIS E 4 -42.43 2.25 -13.26
N MET E 5 -41.45 3.15 -13.31
CA MET E 5 -41.60 4.59 -13.68
C MET E 5 -41.07 4.83 -15.10
N ALA E 6 -41.71 5.72 -15.86
CA ALA E 6 -41.24 6.22 -17.17
C ALA E 6 -40.02 7.14 -16.96
N ILE E 7 -39.18 7.31 -17.98
CA ILE E 7 -38.00 8.20 -17.96
C ILE E 7 -38.53 9.64 -17.92
N GLU E 8 -38.18 10.42 -16.90
CA GLU E 8 -38.60 11.87 -16.80
C GLU E 8 -37.33 12.75 -16.80
N PHE E 9 -37.41 13.90 -17.46
CA PHE E 9 -36.42 15.00 -17.33
C PHE E 9 -37.14 16.28 -16.96
N ASP E 10 -36.82 16.86 -15.79
CA ASP E 10 -37.18 18.27 -15.47
C ASP E 10 -36.17 19.17 -16.18
N ILE E 11 -36.65 20.09 -17.00
CA ILE E 11 -35.79 21.04 -17.76
C ILE E 11 -36.25 22.46 -17.40
N GLN E 12 -35.31 23.29 -16.96
CA GLN E 12 -35.59 24.74 -16.75
CA GLN E 12 -35.53 24.73 -16.64
C GLN E 12 -34.38 25.54 -17.24
N GLU E 13 -34.64 26.78 -17.66
CA GLU E 13 -33.60 27.75 -18.03
C GLU E 13 -33.01 28.34 -16.74
N SER E 14 -31.70 28.59 -16.74
CA SER E 14 -31.02 29.43 -15.71
C SER E 14 -31.79 30.75 -15.58
N LYS E 15 -32.05 31.22 -14.36
CA LYS E 15 -32.58 32.58 -14.12
C LYS E 15 -31.44 33.59 -14.20
N ILE E 16 -30.20 33.14 -14.27
CA ILE E 16 -29.04 34.06 -14.24
C ILE E 16 -28.37 34.14 -15.61
N LEU E 17 -28.16 33.03 -16.30
CA LEU E 17 -27.48 33.02 -17.63
C LEU E 17 -28.46 32.51 -18.69
N LYS E 18 -28.93 33.39 -19.57
CA LYS E 18 -29.88 32.99 -20.64
C LYS E 18 -29.23 31.91 -21.54
N GLY E 19 -29.99 30.89 -21.96
CA GLY E 19 -29.47 29.83 -22.87
C GLY E 19 -28.75 28.71 -22.13
N VAL E 20 -28.59 28.81 -20.81
CA VAL E 20 -28.08 27.67 -19.98
C VAL E 20 -29.30 26.93 -19.45
N TYR E 21 -29.37 25.62 -19.67
CA TYR E 21 -30.45 24.78 -19.09
C TYR E 21 -29.94 23.84 -18.03
N ILE E 22 -30.84 23.54 -17.10
CA ILE E 22 -30.62 22.69 -15.92
C ILE E 22 -31.60 21.55 -16.07
N ILE E 23 -31.07 20.35 -16.22
CA ILE E 23 -31.84 19.10 -16.47
C ILE E 23 -31.69 18.21 -15.25
N THR E 24 -32.82 17.85 -14.64
CA THR E 24 -32.86 16.92 -13.48
C THR E 24 -33.58 15.67 -13.90
N PRO E 25 -32.88 14.51 -14.01
CA PRO E 25 -33.56 13.26 -14.34
C PRO E 25 -34.25 12.71 -13.09
N ASN E 26 -35.24 11.85 -13.29
CA ASN E 26 -35.77 11.04 -12.16
C ASN E 26 -34.84 9.84 -12.01
N LYS E 27 -34.92 9.15 -10.89
CA LYS E 27 -34.09 7.97 -10.63
C LYS E 27 -35.01 6.85 -10.20
N PHE E 28 -34.62 5.62 -10.50
CA PHE E 28 -35.13 4.46 -9.75
C PHE E 28 -34.15 4.19 -8.61
N ARG E 29 -34.67 4.17 -7.39
CA ARG E 29 -33.92 3.92 -6.15
C ARG E 29 -34.45 2.63 -5.51
N ASP E 30 -33.54 1.78 -5.04
CA ASP E 30 -33.85 0.51 -4.34
C ASP E 30 -32.64 0.17 -3.48
N LEU E 31 -32.65 -1.01 -2.85
CA LEU E 31 -31.62 -1.44 -1.88
C LEU E 31 -30.24 -1.52 -2.58
N ARG E 32 -30.22 -1.52 -3.91
CA ARG E 32 -29.00 -1.73 -4.70
C ARG E 32 -28.28 -0.40 -4.97
N GLY E 33 -29.05 0.68 -5.14
CA GLY E 33 -28.59 2.00 -5.55
C GLY E 33 -29.61 2.65 -6.46
N GLU E 34 -29.14 3.21 -7.57
CA GLU E 34 -29.96 3.99 -8.50
C GLU E 34 -29.68 3.58 -9.95
N ILE E 35 -30.73 3.64 -10.77
CA ILE E 35 -30.73 3.64 -12.26
C ILE E 35 -31.26 4.99 -12.73
N TRP E 36 -30.57 5.63 -13.64
CA TRP E 36 -31.13 6.83 -14.27
C TRP E 36 -30.60 6.97 -15.68
N THR E 37 -31.39 7.65 -16.48
CA THR E 37 -31.07 8.06 -17.86
C THR E 37 -30.50 9.47 -17.80
N ALA E 38 -29.28 9.65 -18.32
CA ALA E 38 -28.61 10.96 -18.50
C ALA E 38 -29.06 11.57 -19.83
N PHE E 39 -29.41 10.76 -20.82
CA PHE E 39 -29.71 11.29 -22.16
C PHE E 39 -30.53 10.28 -22.97
N THR E 40 -31.52 10.79 -23.73
CA THR E 40 -32.10 10.13 -24.92
C THR E 40 -32.10 11.15 -26.06
N ASP E 41 -31.92 10.70 -27.31
CA ASP E 41 -32.08 11.56 -28.52
C ASP E 41 -33.50 12.16 -28.47
N GLU E 42 -34.51 11.34 -28.17
CA GLU E 42 -35.93 11.76 -28.22
C GLU E 42 -36.15 12.95 -27.26
N TYR E 43 -35.64 12.91 -26.03
CA TYR E 43 -36.05 13.85 -24.94
C TYR E 43 -35.15 15.09 -24.89
N LEU E 44 -33.87 14.99 -25.27
CA LEU E 44 -32.87 16.06 -24.97
C LEU E 44 -32.13 16.55 -26.24
N SER E 45 -32.43 16.07 -27.45
CA SER E 45 -31.76 16.59 -28.67
C SER E 45 -32.34 17.95 -29.08
N LYS E 46 -33.52 18.33 -28.56
CA LYS E 46 -34.13 19.68 -28.76
C LYS E 46 -33.31 20.76 -28.02
N LEU E 47 -32.41 20.38 -27.12
CA LEU E 47 -31.60 21.35 -26.31
C LEU E 47 -30.59 22.08 -27.22
N VAL E 48 -30.40 21.58 -28.43
CA VAL E 48 -29.29 21.89 -29.37
C VAL E 48 -29.91 22.14 -30.74
N PRO E 49 -29.35 23.01 -31.61
CA PRO E 49 -29.92 23.25 -32.93
C PRO E 49 -30.09 22.00 -33.81
N ASP E 50 -31.02 22.09 -34.76
CA ASP E 50 -31.24 21.05 -35.80
C ASP E 50 -29.95 20.79 -36.56
N GLY E 51 -29.67 19.53 -36.88
CA GLY E 51 -28.50 19.14 -37.68
C GLY E 51 -27.18 19.32 -36.95
N ILE E 52 -27.22 19.61 -35.65
CA ILE E 52 -26.08 19.46 -34.70
C ILE E 52 -26.49 18.29 -33.80
N LYS E 53 -25.60 17.33 -33.61
CA LYS E 53 -25.93 16.06 -32.93
C LYS E 53 -24.95 15.88 -31.75
N PHE E 54 -25.44 15.45 -30.59
CA PHE E 54 -24.58 14.89 -29.53
C PHE E 54 -23.92 13.63 -30.07
N LYS E 55 -22.61 13.68 -30.37
CA LYS E 55 -21.94 12.58 -31.11
C LYS E 55 -20.70 12.07 -30.37
N HIS E 56 -20.44 12.53 -29.14
CA HIS E 56 -19.13 12.39 -28.45
C HIS E 56 -19.36 12.30 -26.93
N ASP E 57 -18.86 11.24 -26.30
CA ASP E 57 -19.03 10.99 -24.85
C ASP E 57 -17.66 10.93 -24.18
N LYS E 58 -17.45 11.74 -23.13
CA LYS E 58 -16.17 11.81 -22.42
C LYS E 58 -16.37 11.69 -20.91
N PHE E 59 -15.33 11.22 -20.24
CA PHE E 59 -15.22 11.13 -18.77
C PHE E 59 -13.95 11.84 -18.36
N ILE E 60 -14.05 12.69 -17.34
CA ILE E 60 -12.89 13.41 -16.71
C ILE E 60 -12.90 12.98 -15.25
N ASN E 61 -11.88 12.22 -14.85
CA ASN E 61 -11.68 11.73 -13.46
C ASN E 61 -10.66 12.66 -12.81
N SER E 62 -11.00 13.25 -11.66
CA SER E 62 -10.11 14.21 -10.97
C SER E 62 -10.06 13.95 -9.47
N HIS E 63 -8.88 14.21 -8.88
CA HIS E 63 -8.64 14.07 -7.42
C HIS E 63 -9.27 15.25 -6.69
N PHE E 64 -9.54 15.08 -5.40
CA PHE E 64 -9.82 16.18 -4.44
C PHE E 64 -8.94 17.39 -4.74
N ASN E 65 -9.58 18.57 -4.80
CA ASN E 65 -8.88 19.87 -4.85
C ASN E 65 -8.40 20.20 -6.26
N VAL E 66 -8.68 19.36 -7.27
CA VAL E 66 -8.43 19.73 -8.70
C VAL E 66 -9.51 20.73 -9.11
N LEU E 67 -9.08 21.80 -9.77
CA LEU E 67 -9.94 22.79 -10.45
C LEU E 67 -9.52 22.78 -11.93
N ARG E 68 -10.48 22.51 -12.82
CA ARG E 68 -10.28 22.59 -14.30
C ARG E 68 -11.09 23.77 -14.81
N GLY E 69 -10.46 24.72 -15.50
CA GLY E 69 -11.17 25.87 -16.08
C GLY E 69 -10.35 27.15 -16.03
N ILE E 70 -10.96 28.26 -16.48
CA ILE E 70 -12.28 28.34 -17.09
C ILE E 70 -12.12 28.15 -18.61
N HIS E 71 -12.79 27.14 -19.19
CA HIS E 71 -12.55 26.69 -20.59
C HIS E 71 -13.84 26.75 -21.43
N GLY E 72 -13.67 27.10 -22.69
CA GLY E 72 -14.79 27.16 -23.65
C GLY E 72 -14.28 27.17 -25.07
N ASP E 73 -15.19 27.05 -26.03
CA ASP E 73 -14.86 27.19 -27.47
C ASP E 73 -16.11 27.70 -28.21
N VAL E 74 -15.93 28.05 -29.48
CA VAL E 74 -16.94 28.88 -30.21
C VAL E 74 -18.02 28.01 -30.85
N LYS E 75 -17.95 26.68 -30.80
CA LYS E 75 -18.92 25.86 -31.56
C LYS E 75 -19.59 24.74 -30.76
N THR E 76 -19.11 24.39 -29.55
CA THR E 76 -19.48 23.13 -28.87
C THR E 76 -20.60 23.36 -27.85
N TYR E 77 -21.69 22.62 -28.00
CA TYR E 77 -22.77 22.49 -26.99
C TYR E 77 -22.35 21.34 -26.07
N LYS E 78 -22.49 21.54 -24.77
CA LYS E 78 -21.97 20.61 -23.73
C LYS E 78 -23.12 20.23 -22.80
N LEU E 79 -23.32 18.94 -22.55
CA LEU E 79 -24.21 18.40 -21.50
C LEU E 79 -23.32 17.76 -20.43
N VAL E 80 -23.21 18.37 -19.24
CA VAL E 80 -22.21 17.96 -18.22
C VAL E 80 -22.92 17.60 -16.92
N THR E 81 -22.38 16.61 -16.22
CA THR E 81 -22.81 16.22 -14.86
C THR E 81 -21.69 15.47 -14.16
N CYS E 82 -21.89 15.22 -12.88
CA CYS E 82 -20.98 14.45 -12.02
C CYS E 82 -21.75 13.21 -11.61
N VAL E 83 -21.23 12.04 -11.96
CA VAL E 83 -21.95 10.74 -11.77
C VAL E 83 -21.33 10.01 -10.57
N TYR E 84 -20.18 10.46 -10.07
CA TYR E 84 -19.72 10.03 -8.73
C TYR E 84 -18.92 11.15 -8.07
N GLY E 85 -19.13 11.30 -6.77
CA GLY E 85 -18.46 12.28 -5.90
C GLY E 85 -19.18 13.60 -5.99
N GLU E 86 -18.44 14.68 -5.77
CA GLU E 86 -19.05 16.02 -5.64
C GLU E 86 -18.17 17.06 -6.33
N VAL E 87 -18.77 17.89 -7.20
CA VAL E 87 -18.06 19.02 -7.83
C VAL E 87 -18.85 20.32 -7.64
N HIS E 88 -18.10 21.42 -7.52
CA HIS E 88 -18.61 22.80 -7.70
C HIS E 88 -18.47 23.07 -9.20
N GLN E 89 -19.55 22.85 -9.94
CA GLN E 89 -19.67 23.15 -11.40
C GLN E 89 -19.93 24.65 -11.52
N VAL E 90 -19.10 25.38 -12.28
CA VAL E 90 -19.31 26.84 -12.45
C VAL E 90 -19.31 27.16 -13.95
N VAL E 91 -20.46 27.67 -14.41
CA VAL E 91 -20.66 28.19 -15.78
C VAL E 91 -20.47 29.69 -15.74
N VAL E 92 -19.61 30.19 -16.62
CA VAL E 92 -19.30 31.63 -16.80
C VAL E 92 -19.85 32.01 -18.17
N ASP E 93 -20.59 33.12 -18.23
CA ASP E 93 -21.10 33.71 -19.49
C ASP E 93 -19.90 34.38 -20.16
N CYS E 94 -19.40 33.77 -21.23
CA CYS E 94 -18.25 34.29 -21.99
C CYS E 94 -18.71 34.87 -23.34
N ARG E 95 -20.01 35.14 -23.50
CA ARG E 95 -20.62 35.85 -24.65
C ARG E 95 -20.42 37.35 -24.42
N LYS E 96 -19.51 37.98 -25.15
CA LYS E 96 -19.06 39.37 -24.87
C LYS E 96 -20.21 40.38 -25.03
N ASP E 97 -21.25 40.03 -25.78
CA ASP E 97 -22.38 40.93 -26.08
C ASP E 97 -23.46 40.74 -25.02
N SER E 98 -23.45 39.64 -24.27
CA SER E 98 -24.51 39.28 -23.30
C SER E 98 -24.58 40.36 -22.22
N PRO E 99 -25.81 40.70 -21.74
CA PRO E 99 -25.97 41.59 -20.59
C PRO E 99 -25.39 40.97 -19.29
N THR E 100 -25.09 39.67 -19.31
CA THR E 100 -24.54 38.92 -18.14
C THR E 100 -23.12 38.41 -18.46
N TYR E 101 -22.41 39.07 -19.38
CA TYR E 101 -20.99 38.75 -19.72
C TYR E 101 -20.13 38.75 -18.45
N LEU E 102 -19.43 37.63 -18.19
CA LEU E 102 -18.53 37.35 -17.03
C LEU E 102 -19.30 37.28 -15.70
N LYS E 103 -20.63 37.23 -15.74
CA LYS E 103 -21.43 36.65 -14.62
C LYS E 103 -21.30 35.13 -14.65
N TRP E 104 -21.70 34.49 -13.56
CA TRP E 104 -21.44 33.05 -13.37
C TRP E 104 -22.52 32.46 -12.47
N GLU E 105 -22.71 31.16 -12.56
CA GLU E 105 -23.66 30.46 -11.67
C GLU E 105 -22.99 29.16 -11.27
N LYS E 106 -23.17 28.79 -10.00
CA LYS E 106 -22.59 27.55 -9.44
C LYS E 106 -23.69 26.49 -9.30
N PHE E 107 -23.36 25.26 -9.66
CA PHE E 107 -24.18 24.05 -9.38
C PHE E 107 -23.28 23.07 -8.64
N ILE E 108 -23.58 22.76 -7.39
CA ILE E 108 -22.86 21.69 -6.62
C ILE E 108 -23.57 20.38 -6.91
N ILE E 109 -22.94 19.53 -7.71
CA ILE E 109 -23.55 18.32 -8.30
C ILE E 109 -22.99 17.10 -7.56
N SER E 110 -23.88 16.26 -7.05
CA SER E 110 -23.52 15.12 -6.16
C SER E 110 -24.65 14.10 -6.21
N TYR E 111 -24.59 13.12 -5.30
CA TYR E 111 -25.59 12.04 -5.09
C TYR E 111 -26.96 12.63 -4.81
N LYS E 112 -27.03 13.76 -4.09
CA LYS E 112 -28.33 14.34 -3.65
C LYS E 112 -28.80 15.43 -4.60
N ASN E 113 -28.09 15.70 -5.68
CA ASN E 113 -28.57 16.71 -6.65
C ASN E 113 -27.99 16.31 -8.01
N GLN E 114 -28.69 15.38 -8.67
CA GLN E 114 -28.24 14.88 -9.98
C GLN E 114 -28.73 15.86 -11.05
N GLN E 115 -27.94 16.86 -11.37
CA GLN E 115 -28.27 17.83 -12.42
C GLN E 115 -27.27 17.66 -13.55
N LEU E 116 -27.78 17.74 -14.78
CA LEU E 116 -26.95 17.92 -15.98
C LEU E 116 -27.16 19.35 -16.42
N ILE E 117 -26.10 20.03 -16.82
CA ILE E 117 -26.13 21.44 -17.25
C ILE E 117 -25.84 21.43 -18.76
N LEU E 118 -26.70 22.07 -19.55
CA LEU E 118 -26.47 22.32 -20.98
C LEU E 118 -25.84 23.71 -21.15
N LEU E 119 -24.62 23.78 -21.69
CA LEU E 119 -23.91 25.04 -22.02
C LEU E 119 -23.91 25.20 -23.53
N PRO E 120 -24.38 26.35 -24.06
CA PRO E 120 -24.21 26.67 -25.47
C PRO E 120 -22.76 27.05 -25.71
N PRO E 121 -22.35 27.28 -26.97
CA PRO E 121 -21.02 27.78 -27.25
C PRO E 121 -20.69 29.14 -26.58
N ASN E 122 -19.42 29.44 -26.42
CA ASN E 122 -18.91 30.75 -25.93
C ASN E 122 -19.25 30.93 -24.45
N MET E 123 -19.34 29.82 -23.73
CA MET E 123 -19.59 29.80 -22.27
C MET E 123 -18.37 29.18 -21.60
N GLY E 124 -17.96 29.76 -20.47
CA GLY E 124 -16.84 29.24 -19.69
C GLY E 124 -17.35 28.11 -18.85
N ASN E 125 -16.70 26.94 -18.96
CA ASN E 125 -17.00 25.75 -18.14
C ASN E 125 -15.84 25.56 -17.17
N SER E 126 -16.17 25.15 -15.95
CA SER E 126 -15.17 24.87 -14.90
C SER E 126 -15.78 23.99 -13.82
N HIS E 127 -14.95 23.19 -13.14
CA HIS E 127 -15.37 22.47 -11.93
C HIS E 127 -14.21 22.28 -10.95
N TYR E 128 -14.59 22.19 -9.69
CA TYR E 128 -13.69 22.01 -8.54
C TYR E 128 -14.16 20.75 -7.83
N VAL E 129 -13.26 19.82 -7.55
CA VAL E 129 -13.61 18.52 -6.90
C VAL E 129 -13.54 18.71 -5.38
N SER E 130 -14.69 18.61 -4.72
CA SER E 130 -14.83 18.78 -3.25
C SER E 130 -14.82 17.43 -2.53
N SER E 131 -15.04 16.34 -3.27
CA SER E 131 -15.00 14.94 -2.77
C SER E 131 -13.56 14.39 -2.91
N ALA E 132 -13.32 13.14 -2.48
CA ALA E 132 -12.00 12.46 -2.55
C ALA E 132 -11.63 12.30 -4.02
N ALA E 133 -12.59 11.96 -4.85
CA ALA E 133 -12.46 12.01 -6.32
C ALA E 133 -13.84 12.26 -6.92
N ALA E 134 -13.86 12.59 -8.20
CA ALA E 134 -15.10 12.83 -8.93
C ALA E 134 -14.94 12.25 -10.34
N VAL E 135 -16.04 11.73 -10.88
CA VAL E 135 -16.18 11.32 -12.30
C VAL E 135 -17.16 12.30 -12.94
N TYR E 136 -16.62 13.06 -13.88
CA TYR E 136 -17.35 14.10 -14.61
C TYR E 136 -17.69 13.51 -15.98
N TYR E 137 -18.98 13.42 -16.30
CA TYR E 137 -19.49 12.94 -17.61
C TYR E 137 -19.83 14.14 -18.48
N TYR E 138 -19.40 14.09 -19.72
CA TYR E 138 -19.40 15.21 -20.67
C TYR E 138 -19.89 14.65 -22.03
N LYS E 139 -21.11 15.01 -22.45
CA LYS E 139 -21.62 14.78 -23.84
C LYS E 139 -21.45 16.06 -24.68
N LEU E 140 -20.96 15.89 -25.92
CA LEU E 140 -20.59 17.03 -26.80
C LEU E 140 -21.42 16.96 -28.10
N ALA E 141 -22.00 18.10 -28.48
CA ALA E 141 -22.67 18.32 -29.76
C ALA E 141 -21.95 19.45 -30.48
N TYR E 142 -21.40 19.14 -31.65
CA TYR E 142 -20.71 20.10 -32.54
C TYR E 142 -20.69 19.57 -33.99
N GLU E 143 -20.62 20.49 -34.97
CA GLU E 143 -20.32 20.18 -36.38
C GLU E 143 -18.81 19.95 -36.50
N GLY E 144 -18.39 19.06 -37.39
CA GLY E 144 -16.99 18.90 -37.80
C GLY E 144 -16.10 18.34 -36.70
N GLU E 145 -14.88 18.86 -36.58
CA GLU E 145 -13.80 18.30 -35.72
C GLU E 145 -13.89 18.84 -34.29
N TYR E 146 -13.44 18.00 -33.35
CA TYR E 146 -13.37 18.28 -31.89
C TYR E 146 -12.47 19.50 -31.67
N MET E 147 -12.91 20.45 -30.84
CA MET E 147 -12.06 21.62 -30.47
C MET E 147 -11.22 21.23 -29.25
N ASP E 148 -9.95 20.91 -29.49
CA ASP E 148 -8.96 20.56 -28.44
C ASP E 148 -8.46 21.85 -27.83
N ALA E 149 -7.54 21.79 -26.87
CA ALA E 149 -7.06 22.93 -26.06
C ALA E 149 -6.59 24.07 -26.96
N PRO E 150 -5.78 23.83 -28.03
CA PRO E 150 -5.33 24.93 -28.88
C PRO E 150 -6.48 25.73 -29.49
N ASP E 151 -7.69 25.18 -29.61
CA ASP E 151 -8.83 25.87 -30.28
C ASP E 151 -9.84 26.31 -29.24
N GLN E 152 -9.43 26.28 -27.97
CA GLN E 152 -10.29 26.71 -26.84
C GLN E 152 -9.77 28.03 -26.29
N PHE E 153 -10.64 28.82 -25.72
CA PHE E 153 -10.27 29.98 -24.89
C PHE E 153 -10.17 29.49 -23.44
N THR E 154 -9.46 30.27 -22.63
CA THR E 154 -9.21 30.07 -21.20
C THR E 154 -9.34 31.42 -20.48
N TYR E 155 -10.19 31.49 -19.46
CA TYR E 155 -10.18 32.59 -18.46
C TYR E 155 -9.53 32.03 -17.17
N ALA E 156 -8.83 32.87 -16.39
CA ALA E 156 -8.23 32.43 -15.10
C ALA E 156 -9.33 32.05 -14.12
N TRP E 157 -9.15 30.92 -13.45
CA TRP E 157 -10.13 30.39 -12.45
C TRP E 157 -10.47 31.50 -11.47
N ASN E 158 -9.49 32.33 -11.11
CA ASN E 158 -9.65 33.39 -10.09
C ASN E 158 -9.64 34.78 -10.75
N ASP E 159 -10.01 34.90 -12.02
CA ASP E 159 -10.15 36.23 -12.69
C ASP E 159 -11.02 37.14 -11.83
N GLU E 160 -10.50 38.33 -11.51
CA GLU E 160 -11.12 39.30 -10.57
C GLU E 160 -12.38 39.94 -11.18
N ARG E 161 -12.46 40.05 -12.49
CA ARG E 161 -13.68 40.53 -13.20
C ARG E 161 -14.82 39.53 -13.02
N ILE E 162 -14.53 38.24 -12.89
CA ILE E 162 -15.56 37.18 -12.79
C ILE E 162 -15.89 37.00 -11.30
N GLY E 163 -14.86 36.85 -10.47
CA GLY E 163 -14.99 36.77 -9.01
C GLY E 163 -15.83 35.59 -8.61
N ILE E 164 -15.44 34.39 -9.00
CA ILE E 164 -16.14 33.15 -8.56
C ILE E 164 -15.81 32.92 -7.09
N ASP E 165 -16.79 32.51 -6.30
CA ASP E 165 -16.59 31.94 -4.94
C ASP E 165 -16.18 30.48 -5.11
N TRP E 166 -14.89 30.18 -5.02
CA TRP E 166 -14.40 28.79 -4.93
C TRP E 166 -14.19 28.48 -3.46
N PRO E 167 -14.29 27.20 -3.05
CA PRO E 167 -14.05 26.80 -1.66
C PRO E 167 -12.58 26.80 -1.22
N THR E 168 -11.63 27.19 -2.07
CA THR E 168 -10.19 27.25 -1.78
C THR E 168 -9.57 28.37 -2.62
N ASN E 169 -8.47 28.92 -2.12
CA ASN E 169 -7.54 29.78 -2.89
C ASN E 169 -6.40 28.94 -3.46
N THR E 170 -6.29 27.65 -3.13
CA THR E 170 -5.11 26.84 -3.53
C THR E 170 -5.54 25.54 -4.20
N PRO E 171 -6.15 25.62 -5.40
CA PRO E 171 -6.48 24.44 -6.18
C PRO E 171 -5.25 23.83 -6.89
N ILE E 172 -5.35 22.55 -7.21
CA ILE E 172 -4.46 21.83 -8.17
C ILE E 172 -4.85 22.18 -9.62
N LEU E 173 -3.87 22.64 -10.41
CA LEU E 173 -4.07 23.28 -11.73
C LEU E 173 -3.11 22.64 -12.72
N SER E 174 -3.60 22.38 -13.94
CA SER E 174 -2.74 22.18 -15.14
C SER E 174 -1.91 23.45 -15.37
N ASP E 175 -0.86 23.33 -16.17
CA ASP E 175 0.00 24.46 -16.60
C ASP E 175 -0.84 25.44 -17.42
N ARG E 176 -1.76 24.94 -18.26
CA ARG E 176 -2.70 25.79 -19.04
C ARG E 176 -3.42 26.71 -18.06
N ASP E 177 -3.93 26.16 -16.98
CA ASP E 177 -4.81 26.92 -16.05
C ASP E 177 -3.95 27.82 -15.15
N ILE E 178 -2.70 27.43 -14.86
CA ILE E 178 -1.68 28.33 -14.19
C ILE E 178 -1.36 29.50 -15.15
N LEU E 179 -0.93 29.19 -16.39
CA LEU E 179 -0.57 30.21 -17.44
C LEU E 179 -1.65 31.30 -17.47
N ALA E 180 -2.94 30.93 -17.38
CA ALA E 180 -4.09 31.85 -17.55
C ALA E 180 -4.10 32.93 -16.48
N THR E 181 -3.46 32.68 -15.33
CA THR E 181 -3.44 33.62 -14.17
C THR E 181 -2.35 34.69 -14.36
N LYS E 182 -1.47 34.57 -15.37
CA LYS E 182 -0.44 35.59 -15.74
C LYS E 182 -0.92 36.41 -16.96
N HIS F 4 -1.12 17.32 -29.63
CA HIS F 4 -1.33 16.57 -28.36
C HIS F 4 -1.77 15.15 -28.73
N MET F 5 -2.26 14.38 -27.75
CA MET F 5 -2.85 13.02 -27.95
C MET F 5 -4.04 13.07 -28.91
N ALA F 6 -4.16 12.09 -29.83
CA ALA F 6 -5.37 11.86 -30.64
C ALA F 6 -6.25 10.78 -29.97
N ILE F 7 -7.56 10.87 -30.15
CA ILE F 7 -8.57 9.87 -29.67
C ILE F 7 -8.23 8.51 -30.29
N GLU F 8 -8.23 7.42 -29.51
CA GLU F 8 -7.99 6.07 -30.05
C GLU F 8 -8.87 5.05 -29.32
N PHE F 9 -9.31 4.05 -30.07
CA PHE F 9 -10.01 2.87 -29.58
C PHE F 9 -9.30 1.66 -30.16
N ASP F 10 -8.82 0.75 -29.31
CA ASP F 10 -8.50 -0.65 -29.68
C ASP F 10 -9.81 -1.44 -29.64
N ILE F 11 -10.16 -2.15 -30.72
CA ILE F 11 -11.43 -2.93 -30.83
C ILE F 11 -11.07 -4.39 -31.11
N GLN F 12 -11.41 -5.31 -30.20
CA GLN F 12 -11.12 -6.75 -30.33
C GLN F 12 -12.37 -7.58 -30.04
N GLU F 13 -12.59 -8.67 -30.78
CA GLU F 13 -13.68 -9.63 -30.54
C GLU F 13 -13.27 -10.57 -29.41
N SER F 14 -14.20 -10.90 -28.53
CA SER F 14 -14.03 -11.99 -27.54
C SER F 14 -13.45 -13.20 -28.29
N LYS F 15 -12.59 -13.98 -27.63
CA LYS F 15 -12.12 -15.29 -28.14
C LYS F 15 -13.08 -16.40 -27.66
N ILE F 16 -14.08 -16.05 -26.85
CA ILE F 16 -15.01 -17.00 -26.17
C ILE F 16 -16.42 -16.86 -26.75
N LEU F 17 -16.96 -15.64 -26.84
CA LEU F 17 -18.36 -15.36 -27.28
C LEU F 17 -18.31 -14.54 -28.57
N LYS F 18 -18.67 -15.14 -29.69
CA LYS F 18 -18.70 -14.47 -31.00
C LYS F 18 -19.69 -13.31 -30.95
N GLY F 19 -19.32 -12.18 -31.54
CA GLY F 19 -20.20 -10.99 -31.63
C GLY F 19 -20.04 -10.08 -30.43
N VAL F 20 -19.32 -10.49 -29.39
CA VAL F 20 -18.99 -9.65 -28.20
C VAL F 20 -17.65 -8.96 -28.46
N TYR F 21 -17.59 -7.63 -28.40
CA TYR F 21 -16.33 -6.86 -28.60
C TYR F 21 -15.88 -6.18 -27.31
N ILE F 22 -14.56 -6.10 -27.16
CA ILE F 22 -13.86 -5.36 -26.08
C ILE F 22 -13.24 -4.11 -26.70
N ILE F 23 -13.75 -2.93 -26.34
CA ILE F 23 -13.23 -1.61 -26.82
C ILE F 23 -12.39 -1.00 -25.69
N THR F 24 -11.16 -0.58 -25.99
CA THR F 24 -10.25 0.07 -25.01
C THR F 24 -9.87 1.45 -25.53
N PRO F 25 -10.23 2.56 -24.85
CA PRO F 25 -9.82 3.89 -25.27
C PRO F 25 -8.38 4.17 -24.81
N ASN F 26 -7.72 5.17 -25.38
CA ASN F 26 -6.53 5.74 -24.70
C ASN F 26 -7.03 6.77 -23.67
N LYS F 27 -6.15 7.27 -22.80
CA LYS F 27 -6.48 8.35 -21.83
C LYS F 27 -5.34 9.38 -21.78
N PHE F 28 -5.69 10.64 -21.59
CA PHE F 28 -4.70 11.65 -21.13
C PHE F 28 -4.64 11.64 -19.59
N ARG F 29 -3.46 11.35 -19.05
CA ARG F 29 -3.19 11.29 -17.58
C ARG F 29 -2.23 12.42 -17.19
N ASP F 30 -2.58 13.18 -16.15
CA ASP F 30 -1.68 14.26 -15.69
C ASP F 30 -1.84 14.37 -14.18
N LEU F 31 -1.33 15.44 -13.58
CA LEU F 31 -1.30 15.57 -12.12
C LEU F 31 -2.72 15.60 -11.54
N ARG F 32 -3.75 15.89 -12.36
CA ARG F 32 -5.16 16.08 -11.91
C ARG F 32 -5.95 14.75 -11.94
N GLY F 33 -5.55 13.81 -12.78
CA GLY F 33 -6.28 12.55 -13.03
C GLY F 33 -6.29 12.26 -14.51
N GLU F 34 -7.46 12.08 -15.12
CA GLU F 34 -7.46 11.56 -16.50
C GLU F 34 -8.66 12.11 -17.29
N ILE F 35 -8.48 12.17 -18.61
CA ILE F 35 -9.54 12.52 -19.59
C ILE F 35 -9.58 11.40 -20.62
N TRP F 36 -10.76 10.93 -20.98
CA TRP F 36 -10.86 9.90 -22.03
C TRP F 36 -12.20 9.99 -22.71
N THR F 37 -12.22 9.55 -23.99
CA THR F 37 -13.43 9.48 -24.84
C THR F 37 -13.95 8.05 -24.76
N ALA F 38 -15.18 7.89 -24.29
CA ALA F 38 -15.89 6.58 -24.24
C ALA F 38 -16.46 6.25 -25.60
N PHE F 39 -16.80 7.25 -26.40
CA PHE F 39 -17.58 7.00 -27.65
C PHE F 39 -17.62 8.24 -28.54
N THR F 40 -17.44 8.06 -29.86
CA THR F 40 -17.87 9.00 -30.92
C THR F 40 -18.62 8.21 -32.00
N ASP F 41 -19.63 8.84 -32.62
CA ASP F 41 -20.35 8.31 -33.81
C ASP F 41 -19.32 7.88 -34.85
N GLU F 42 -18.38 8.77 -35.16
CA GLU F 42 -17.37 8.58 -36.22
C GLU F 42 -16.67 7.23 -36.02
N TYR F 43 -16.25 6.86 -34.81
CA TYR F 43 -15.40 5.65 -34.63
C TYR F 43 -16.23 4.42 -34.24
N LEU F 44 -17.35 4.57 -33.55
CA LEU F 44 -18.00 3.40 -32.89
C LEU F 44 -19.45 3.19 -33.37
N SER F 45 -20.04 4.08 -34.16
CA SER F 45 -21.40 3.87 -34.74
C SER F 45 -21.43 2.56 -35.53
N LYS F 46 -20.27 2.10 -35.99
CA LYS F 46 -20.14 0.90 -36.85
C LYS F 46 -20.10 -0.38 -35.98
N LEU F 47 -20.15 -0.28 -34.65
CA LEU F 47 -20.23 -1.48 -33.76
C LEU F 47 -21.59 -2.18 -33.95
N VAL F 48 -22.52 -1.51 -34.62
CA VAL F 48 -23.98 -1.85 -34.64
C VAL F 48 -24.48 -1.70 -36.07
N PRO F 49 -25.51 -2.45 -36.54
CA PRO F 49 -25.98 -2.38 -37.92
C PRO F 49 -26.44 -0.98 -38.36
N ASP F 50 -26.23 -0.66 -39.64
CA ASP F 50 -26.75 0.58 -40.25
C ASP F 50 -28.22 0.71 -39.86
N GLY F 51 -28.66 1.92 -39.51
CA GLY F 51 -30.05 2.17 -39.09
C GLY F 51 -30.15 2.33 -37.59
N ILE F 52 -29.56 1.39 -36.84
CA ILE F 52 -29.72 1.30 -35.36
C ILE F 52 -28.67 2.23 -34.73
N LYS F 53 -29.10 3.10 -33.82
CA LYS F 53 -28.27 4.22 -33.29
C LYS F 53 -28.15 4.12 -31.76
N PHE F 54 -26.97 4.41 -31.23
CA PHE F 54 -26.80 4.71 -29.79
C PHE F 54 -27.53 6.03 -29.51
N LYS F 55 -28.64 5.97 -28.79
CA LYS F 55 -29.55 7.12 -28.63
C LYS F 55 -29.95 7.29 -27.16
N HIS F 56 -29.31 6.54 -26.24
CA HIS F 56 -29.78 6.41 -24.85
C HIS F 56 -28.56 6.10 -23.96
N ASP F 57 -28.32 6.95 -22.97
CA ASP F 57 -27.19 6.85 -22.01
C ASP F 57 -27.74 6.73 -20.61
N LYS F 58 -27.26 5.74 -19.86
CA LYS F 58 -27.74 5.45 -18.49
C LYS F 58 -26.56 5.34 -17.55
N PHE F 59 -26.79 5.68 -16.28
CA PHE F 59 -25.82 5.42 -15.19
C PHE F 59 -26.50 4.58 -14.14
N ILE F 60 -25.74 3.63 -13.60
CA ILE F 60 -26.24 2.72 -12.54
C ILE F 60 -25.21 2.71 -11.41
N ASN F 61 -25.56 3.32 -10.27
CA ASN F 61 -24.70 3.41 -9.06
C ASN F 61 -25.14 2.30 -8.15
N SER F 62 -24.23 1.38 -7.80
CA SER F 62 -24.56 0.21 -6.94
C SER F 62 -23.58 0.11 -5.76
N HIS F 63 -24.09 -0.32 -4.60
CA HIS F 63 -23.31 -0.65 -3.38
C HIS F 63 -22.42 -1.85 -3.63
N PHE F 64 -21.32 -1.95 -2.88
CA PHE F 64 -20.56 -3.19 -2.67
C PHE F 64 -21.52 -4.37 -2.50
N ASN F 65 -21.20 -5.48 -3.14
CA ASN F 65 -21.88 -6.78 -2.99
C ASN F 65 -23.22 -6.78 -3.75
N VAL F 66 -23.56 -5.74 -4.50
CA VAL F 66 -24.74 -5.76 -5.41
C VAL F 66 -24.38 -6.62 -6.63
N LEU F 67 -25.31 -7.51 -7.00
CA LEU F 67 -25.27 -8.27 -8.28
C LEU F 67 -26.56 -7.97 -9.06
N ARG F 68 -26.43 -7.36 -10.22
CA ARG F 68 -27.56 -7.16 -11.16
C ARG F 68 -27.42 -8.17 -12.29
N GLY F 69 -28.47 -8.95 -12.55
CA GLY F 69 -28.49 -9.89 -13.70
C GLY F 69 -29.21 -11.18 -13.34
N ILE F 70 -29.28 -12.10 -14.32
CA ILE F 70 -28.72 -11.95 -15.65
C ILE F 70 -29.85 -11.52 -16.58
N HIS F 71 -29.68 -10.43 -17.33
CA HIS F 71 -30.80 -9.76 -18.03
C HIS F 71 -30.43 -9.52 -19.49
N GLY F 72 -31.40 -9.65 -20.40
CA GLY F 72 -31.25 -9.29 -21.81
C GLY F 72 -32.59 -9.05 -22.48
N ASP F 73 -32.56 -8.61 -23.73
CA ASP F 73 -33.80 -8.39 -24.52
C ASP F 73 -33.49 -8.65 -25.99
N VAL F 74 -34.54 -8.77 -26.79
CA VAL F 74 -34.40 -9.28 -28.17
C VAL F 74 -33.88 -8.19 -29.09
N LYS F 75 -33.92 -6.90 -28.73
CA LYS F 75 -33.58 -5.83 -29.71
C LYS F 75 -32.41 -4.94 -29.26
N THR F 76 -31.94 -4.95 -28.00
CA THR F 76 -31.05 -3.86 -27.51
C THR F 76 -29.55 -4.22 -27.65
N TYR F 77 -28.80 -3.45 -28.44
CA TYR F 77 -27.31 -3.43 -28.42
C TYR F 77 -26.82 -2.54 -27.27
N LYS F 78 -25.79 -3.02 -26.57
CA LYS F 78 -25.29 -2.40 -25.32
C LYS F 78 -23.78 -2.19 -25.40
N LEU F 79 -23.34 -1.01 -24.98
CA LEU F 79 -21.92 -0.69 -24.70
C LEU F 79 -21.79 -0.35 -23.23
N VAL F 80 -21.05 -1.15 -22.48
CA VAL F 80 -21.07 -1.09 -21.00
C VAL F 80 -19.63 -0.96 -20.48
N THR F 81 -19.47 -0.18 -19.43
CA THR F 81 -18.19 -0.07 -18.72
C THR F 81 -18.46 0.39 -17.30
N CYS F 82 -17.41 0.32 -16.48
CA CYS F 82 -17.38 0.81 -15.09
C CYS F 82 -16.44 2.01 -15.07
N VAL F 83 -16.92 3.17 -14.63
CA VAL F 83 -16.13 4.43 -14.65
C VAL F 83 -15.70 4.81 -13.23
N TYR F 84 -16.35 4.32 -12.20
CA TYR F 84 -15.91 4.52 -10.80
C TYR F 84 -16.04 3.19 -10.08
N GLY F 85 -15.01 2.81 -9.31
CA GLY F 85 -14.99 1.55 -8.56
C GLY F 85 -14.63 0.39 -9.45
N GLU F 86 -15.09 -0.79 -9.11
CA GLU F 86 -14.64 -1.99 -9.84
C GLU F 86 -15.81 -2.95 -9.95
N VAL F 87 -15.96 -3.58 -11.12
CA VAL F 87 -17.06 -4.57 -11.25
C VAL F 87 -16.52 -5.85 -11.88
N HIS F 88 -17.06 -6.97 -11.41
CA HIS F 88 -17.05 -8.25 -12.13
C HIS F 88 -18.19 -8.19 -13.14
N GLN F 89 -17.85 -7.92 -14.39
CA GLN F 89 -18.78 -7.86 -15.56
C GLN F 89 -18.82 -9.26 -16.19
N VAL F 90 -20.00 -9.86 -16.28
CA VAL F 90 -20.13 -11.24 -16.83
C VAL F 90 -21.18 -11.23 -17.94
N VAL F 91 -20.72 -11.45 -19.18
CA VAL F 91 -21.57 -11.58 -20.39
C VAL F 91 -21.88 -13.06 -20.50
N VAL F 92 -23.17 -13.38 -20.69
CA VAL F 92 -23.65 -14.77 -20.92
C VAL F 92 -24.22 -14.84 -22.34
N ASP F 93 -23.88 -15.88 -23.07
CA ASP F 93 -24.48 -16.13 -24.40
C ASP F 93 -25.89 -16.67 -24.15
N CYS F 94 -26.92 -15.94 -24.58
CA CYS F 94 -28.34 -16.26 -24.31
C CYS F 94 -29.05 -16.44 -25.65
N ARG F 95 -28.26 -16.63 -26.71
CA ARG F 95 -28.73 -16.89 -28.09
C ARG F 95 -29.01 -18.41 -28.22
N LYS F 96 -30.27 -18.80 -28.38
CA LYS F 96 -30.64 -20.25 -28.44
C LYS F 96 -30.13 -20.90 -29.73
N ASP F 97 -29.73 -20.12 -30.74
CA ASP F 97 -29.12 -20.66 -32.00
C ASP F 97 -27.60 -20.54 -31.95
N SER F 98 -26.99 -20.26 -30.79
CA SER F 98 -25.52 -20.12 -30.68
C SER F 98 -24.91 -21.42 -30.13
N PRO F 99 -23.81 -21.91 -30.73
CA PRO F 99 -23.11 -23.08 -30.20
C PRO F 99 -22.58 -22.86 -28.76
N THR F 100 -22.42 -21.62 -28.31
CA THR F 100 -21.85 -21.29 -26.96
C THR F 100 -22.98 -20.80 -26.03
N TYR F 101 -24.24 -21.14 -26.33
CA TYR F 101 -25.40 -20.84 -25.46
C TYR F 101 -25.06 -21.20 -24.01
N LEU F 102 -25.21 -20.24 -23.10
CA LEU F 102 -24.99 -20.35 -21.64
C LEU F 102 -23.52 -20.54 -21.29
N LYS F 103 -22.59 -20.34 -22.23
CA LYS F 103 -21.18 -20.03 -21.91
C LYS F 103 -21.05 -18.54 -21.55
N TRP F 104 -20.06 -18.21 -20.75
CA TRP F 104 -19.95 -16.83 -20.22
C TRP F 104 -18.50 -16.37 -20.24
N GLU F 105 -18.30 -15.06 -20.06
CA GLU F 105 -16.96 -14.44 -19.99
C GLU F 105 -16.96 -13.32 -18.96
N LYS F 106 -15.98 -13.34 -18.06
CA LYS F 106 -15.85 -12.35 -16.98
C LYS F 106 -14.83 -11.29 -17.44
N PHE F 107 -15.16 -10.03 -17.21
CA PHE F 107 -14.24 -8.87 -17.38
C PHE F 107 -14.13 -8.18 -16.02
N ILE F 108 -12.94 -7.77 -15.63
CA ILE F 108 -12.76 -7.03 -14.35
C ILE F 108 -12.46 -5.59 -14.74
N ILE F 109 -13.46 -4.71 -14.60
CA ILE F 109 -13.44 -3.37 -15.25
C ILE F 109 -13.38 -2.27 -14.18
N SER F 110 -12.58 -1.25 -14.46
CA SER F 110 -12.28 -0.11 -13.58
C SER F 110 -11.45 0.89 -14.40
N TYR F 111 -11.14 2.06 -13.87
CA TYR F 111 -10.38 3.12 -14.57
C TYR F 111 -8.99 2.60 -14.97
N LYS F 112 -8.49 1.53 -14.36
CA LYS F 112 -7.14 1.01 -14.68
C LYS F 112 -7.24 -0.14 -15.67
N ASN F 113 -8.47 -0.58 -16.01
CA ASN F 113 -8.75 -1.58 -17.08
C ASN F 113 -10.07 -1.18 -17.74
N GLN F 114 -10.03 -0.15 -18.56
CA GLN F 114 -11.22 0.63 -19.03
C GLN F 114 -11.77 -0.01 -20.30
N GLN F 115 -12.12 -1.28 -20.22
CA GLN F 115 -12.81 -2.03 -21.29
C GLN F 115 -14.27 -1.58 -21.41
N LEU F 116 -14.71 -1.19 -22.60
CA LEU F 116 -16.15 -1.03 -22.87
C LEU F 116 -16.57 -2.29 -23.64
N ILE F 117 -17.55 -3.01 -23.13
CA ILE F 117 -17.96 -4.31 -23.73
C ILE F 117 -19.18 -4.03 -24.61
N LEU F 118 -19.12 -4.43 -25.88
CA LEU F 118 -20.27 -4.38 -26.81
C LEU F 118 -21.01 -5.72 -26.77
N LEU F 119 -22.29 -5.72 -26.35
CA LEU F 119 -23.16 -6.93 -26.36
C LEU F 119 -24.20 -6.77 -27.46
N PRO F 120 -24.33 -7.74 -28.40
CA PRO F 120 -25.46 -7.77 -29.32
C PRO F 120 -26.72 -8.15 -28.55
N PRO F 121 -27.91 -8.12 -29.17
CA PRO F 121 -29.12 -8.54 -28.48
C PRO F 121 -29.09 -10.05 -28.16
N ASN F 122 -29.99 -10.47 -27.29
CA ASN F 122 -30.17 -11.87 -26.84
C ASN F 122 -28.92 -12.34 -26.09
N MET F 123 -28.23 -11.41 -25.43
CA MET F 123 -27.14 -11.78 -24.49
C MET F 123 -27.59 -11.51 -23.06
N GLY F 124 -27.11 -12.32 -22.13
CA GLY F 124 -27.29 -12.02 -20.70
C GLY F 124 -26.25 -11.01 -20.27
N ASN F 125 -26.66 -9.85 -19.73
CA ASN F 125 -25.68 -8.92 -19.11
C ASN F 125 -25.80 -9.01 -17.58
N SER F 126 -24.67 -8.90 -16.88
CA SER F 126 -24.60 -8.96 -15.40
C SER F 126 -23.34 -8.24 -14.93
N HIS F 127 -23.39 -7.68 -13.73
CA HIS F 127 -22.20 -7.15 -13.02
C HIS F 127 -22.39 -7.31 -11.51
N TYR F 128 -21.28 -7.57 -10.84
CA TYR F 128 -21.13 -7.60 -9.36
C TYR F 128 -20.18 -6.47 -8.95
N VAL F 129 -20.55 -5.69 -7.96
CA VAL F 129 -19.71 -4.59 -7.41
C VAL F 129 -18.74 -5.15 -6.37
N SER F 130 -17.43 -5.15 -6.67
CA SER F 130 -16.36 -5.65 -5.76
C SER F 130 -15.75 -4.50 -4.94
N SER F 131 -15.91 -3.26 -5.37
CA SER F 131 -15.49 -2.04 -4.63
C SER F 131 -16.59 -1.59 -3.65
N ALA F 132 -16.35 -0.54 -2.87
CA ALA F 132 -17.29 -0.01 -1.86
C ALA F 132 -18.58 0.47 -2.54
N ALA F 133 -18.44 1.09 -3.70
CA ALA F 133 -19.54 1.48 -4.62
C ALA F 133 -18.97 1.45 -6.02
N ALA F 134 -19.85 1.39 -7.02
CA ALA F 134 -19.46 1.45 -8.42
C ALA F 134 -20.47 2.26 -9.21
N VAL F 135 -20.01 2.94 -10.24
CA VAL F 135 -20.87 3.59 -11.25
C VAL F 135 -20.63 2.88 -12.58
N TYR F 136 -21.71 2.35 -13.14
CA TYR F 136 -21.73 1.55 -14.39
C TYR F 136 -22.40 2.41 -15.46
N TYR F 137 -21.67 2.66 -16.55
CA TYR F 137 -22.10 3.47 -17.71
C TYR F 137 -22.62 2.52 -18.79
N TYR F 138 -23.83 2.79 -19.28
CA TYR F 138 -24.59 1.91 -20.18
C TYR F 138 -25.11 2.77 -21.34
N LYS F 139 -24.55 2.55 -22.54
CA LYS F 139 -25.09 3.12 -23.80
C LYS F 139 -25.93 2.07 -24.49
N LEU F 140 -27.09 2.47 -24.99
CA LEU F 140 -28.07 1.56 -25.63
C LEU F 140 -28.27 2.00 -27.08
N ALA F 141 -28.29 1.03 -27.98
CA ALA F 141 -28.65 1.24 -29.40
C ALA F 141 -29.81 0.30 -29.71
N TYR F 142 -30.99 0.84 -30.05
CA TYR F 142 -32.16 0.01 -30.37
C TYR F 142 -33.13 0.79 -31.26
N GLU F 143 -33.94 0.07 -32.00
CA GLU F 143 -35.10 0.61 -32.78
C GLU F 143 -36.26 0.79 -31.81
N GLY F 144 -37.04 1.86 -31.96
CA GLY F 144 -38.33 2.06 -31.27
C GLY F 144 -38.17 2.25 -29.78
N GLU F 145 -39.12 1.72 -29.01
CA GLU F 145 -39.30 2.04 -27.56
C GLU F 145 -38.35 1.23 -26.70
N TYR F 146 -38.04 1.74 -25.52
CA TYR F 146 -37.11 1.13 -24.54
C TYR F 146 -37.72 -0.20 -24.07
N MET F 147 -36.92 -1.25 -24.04
CA MET F 147 -37.30 -2.55 -23.46
C MET F 147 -37.03 -2.50 -21.95
N ASP F 148 -38.05 -2.13 -21.20
CA ASP F 148 -38.00 -2.14 -19.71
C ASP F 148 -38.13 -3.60 -19.24
N ALA F 149 -38.05 -3.83 -17.93
CA ALA F 149 -37.92 -5.16 -17.30
C ALA F 149 -39.03 -6.11 -17.75
N PRO F 150 -40.31 -5.69 -17.88
CA PRO F 150 -41.36 -6.59 -18.37
C PRO F 150 -41.10 -7.18 -19.76
N ASP F 151 -40.27 -6.54 -20.58
CA ASP F 151 -39.97 -6.99 -21.97
C ASP F 151 -38.56 -7.57 -22.02
N GLN F 152 -37.98 -7.91 -20.87
CA GLN F 152 -36.61 -8.50 -20.78
C GLN F 152 -36.76 -9.94 -20.31
N PHE F 153 -35.80 -10.79 -20.63
CA PHE F 153 -35.67 -12.12 -19.98
C PHE F 153 -34.70 -12.02 -18.79
N THR F 154 -34.83 -12.94 -17.85
CA THR F 154 -33.99 -13.05 -16.63
C THR F 154 -33.55 -14.51 -16.44
N TYR F 155 -32.23 -14.73 -16.33
CA TYR F 155 -31.62 -16.00 -15.88
C TYR F 155 -31.08 -15.80 -14.46
N ALA F 156 -31.23 -16.82 -13.61
CA ALA F 156 -30.74 -16.75 -12.21
C ALA F 156 -29.22 -16.51 -12.24
N TRP F 157 -28.74 -15.55 -11.46
CA TRP F 157 -27.30 -15.21 -11.34
C TRP F 157 -26.48 -16.48 -11.06
N ASN F 158 -27.04 -17.41 -10.28
CA ASN F 158 -26.35 -18.65 -9.88
C ASN F 158 -26.87 -19.88 -10.65
N ASP F 159 -27.49 -19.68 -11.83
CA ASP F 159 -28.02 -20.79 -12.66
C ASP F 159 -26.89 -21.81 -12.82
N GLU F 160 -27.13 -23.08 -12.41
CA GLU F 160 -26.14 -24.20 -12.47
C GLU F 160 -25.71 -24.48 -13.91
N ARG F 161 -26.58 -24.30 -14.91
CA ARG F 161 -26.29 -24.61 -16.33
C ARG F 161 -25.25 -23.60 -16.84
N ILE F 162 -25.19 -22.43 -16.22
CA ILE F 162 -24.23 -21.38 -16.63
C ILE F 162 -22.98 -21.54 -15.76
N GLY F 163 -23.16 -21.66 -14.44
CA GLY F 163 -22.08 -21.96 -13.47
C GLY F 163 -21.02 -20.88 -13.48
N ILE F 164 -21.44 -19.63 -13.30
CA ILE F 164 -20.50 -18.46 -13.20
C ILE F 164 -19.78 -18.54 -11.86
N ASP F 165 -18.48 -18.25 -11.86
CA ASP F 165 -17.69 -18.05 -10.62
C ASP F 165 -17.96 -16.65 -10.12
N TRP F 166 -18.68 -16.51 -9.02
CA TRP F 166 -18.94 -15.20 -8.39
C TRP F 166 -18.14 -15.15 -7.09
N PRO F 167 -17.71 -13.97 -6.61
CA PRO F 167 -16.94 -13.87 -5.38
C PRO F 167 -17.76 -13.95 -4.08
N THR F 168 -19.07 -14.24 -4.18
CA THR F 168 -19.99 -14.39 -3.01
C THR F 168 -21.11 -15.37 -3.35
N ASN F 169 -21.65 -16.02 -2.33
CA ASN F 169 -22.92 -16.82 -2.39
C ASN F 169 -24.08 -15.96 -1.91
N THR F 170 -23.83 -14.78 -1.34
CA THR F 170 -24.87 -13.93 -0.70
C THR F 170 -24.82 -12.51 -1.27
N PRO F 171 -25.07 -12.32 -2.58
CA PRO F 171 -25.16 -10.97 -3.14
C PRO F 171 -26.42 -10.20 -2.73
N ILE F 172 -26.39 -8.87 -2.83
CA ILE F 172 -27.61 -8.03 -2.71
C ILE F 172 -28.29 -8.07 -4.08
N LEU F 173 -29.56 -8.51 -4.11
CA LEU F 173 -30.38 -8.71 -5.33
C LEU F 173 -31.73 -7.99 -5.20
N SER F 174 -32.21 -7.44 -6.31
CA SER F 174 -33.61 -7.00 -6.51
C SER F 174 -34.54 -8.20 -6.35
N ASP F 175 -35.82 -7.92 -6.11
CA ASP F 175 -36.89 -8.95 -6.10
C ASP F 175 -36.89 -9.68 -7.44
N ARG F 176 -36.68 -8.97 -8.56
CA ARG F 176 -36.59 -9.61 -9.90
C ARG F 176 -35.57 -10.75 -9.86
N ASP F 177 -34.37 -10.46 -9.38
CA ASP F 177 -33.20 -11.37 -9.55
C ASP F 177 -33.31 -12.52 -8.55
N ILE F 178 -33.96 -12.27 -7.43
CA ILE F 178 -34.34 -13.33 -6.44
C ILE F 178 -35.38 -14.25 -7.06
N LEU F 179 -36.42 -13.64 -7.65
CA LEU F 179 -37.52 -14.39 -8.32
C LEU F 179 -36.91 -15.44 -9.24
N ALA F 180 -35.87 -15.07 -9.98
CA ALA F 180 -35.23 -15.93 -11.01
C ALA F 180 -34.63 -17.19 -10.38
N THR F 181 -34.17 -17.12 -9.13
CA THR F 181 -33.57 -18.27 -8.38
C THR F 181 -34.67 -19.23 -7.91
N LYS F 182 -35.93 -18.78 -7.87
CA LYS F 182 -37.16 -19.59 -7.59
C LYS F 182 -37.84 -19.96 -8.92
O3B YO7 G . -5.43 0.05 25.78
PB YO7 G . -4.17 0.87 25.44
O2B YO7 G . -4.13 1.51 24.03
O1B YO7 G . -3.87 1.93 26.61
C11 YO7 G . -3.40 3.28 26.47
C21 YO7 G . -2.46 3.63 27.63
O21 YO7 G . -1.23 2.92 27.49
C31 YO7 G . -2.19 5.16 27.70
O31 YO7 G . -1.38 5.47 28.84
C41 YO7 G . -3.53 5.92 27.72
O41 YO7 G . -3.43 7.35 27.76
C51 YO7 G . -4.42 5.52 26.51
C61 YO7 G . -5.84 6.15 26.50
C71 YO7 G . -6.56 6.04 25.15
O71 YO7 G . -5.95 7.04 24.33
O6A YO7 G . -6.67 5.49 27.45
O51 YO7 G . -4.54 4.11 26.53
O3A YO7 G . -2.82 0.01 25.50
PA YO7 G . -2.13 -0.65 26.83
O1A YO7 G . -1.32 0.31 27.66
O2A YO7 G . -3.20 -1.42 27.59
O5' YO7 G . -1.07 -1.67 26.14
C5' YO7 G . -1.59 -2.80 25.40
C4' YO7 G . -0.42 -3.73 25.11
C3' YO7 G . 0.36 -4.09 26.36
O3' YO7 G . 0.69 -5.47 26.25
C2' YO7 G . 1.64 -3.26 26.29
O2' YO7 G . 2.80 -3.92 26.81
O4' YO7 G . 0.52 -3.07 24.21
C1' YO7 G . 1.83 -3.05 24.79
N9 YO7 G . 2.44 -1.78 24.46
C4 YO7 G . 3.42 -1.61 23.59
N3 YO7 G . 4.10 -2.47 22.80
C2 YO7 G . 5.09 -2.06 21.94
N2 YO7 G . 5.68 -3.05 21.20
C8 YO7 G . 2.09 -0.57 24.96
N7 YO7 G . 2.89 0.36 24.42
C5 YO7 G . 3.69 -0.25 23.54
C6 YO7 G . 4.76 0.21 22.60
O6 YO7 G . 5.02 1.43 22.55
N1 YO7 G . 5.41 -0.71 21.84
O3B YO7 H . 7.56 21.90 0.66
PB YO7 H . 7.64 21.74 2.15
O2B YO7 H . 6.73 20.74 2.77
O1B YO7 H . 9.19 21.38 2.53
C11 YO7 H . 9.63 20.49 3.53
C21 YO7 H . 10.83 21.09 4.28
O21 YO7 H . 10.41 22.17 5.16
C31 YO7 H . 11.55 20.03 5.10
O31 YO7 H . 12.74 20.55 5.72
C41 YO7 H . 11.85 18.81 4.25
O41 YO7 H . 12.28 17.81 5.17
C51 YO7 H . 10.60 18.31 3.49
C61 YO7 H . 10.90 17.20 2.51
C71 YO7 H . 9.66 16.42 2.10
O71 YO7 H . 9.41 15.43 3.13
O6A YO7 H . 11.49 17.68 1.30
O51 YO7 H . 9.99 19.36 2.77
O3A YO7 H . 7.29 23.11 2.87
PA YO7 H . 8.21 24.45 2.98
O1A YO7 H . 9.40 24.18 3.84
O2A YO7 H . 8.65 24.95 1.63
O5' YO7 H . 7.26 25.48 3.70
C5' YO7 H . 6.10 25.85 2.96
C4' YO7 H . 5.44 26.91 3.81
C3' YO7 H . 6.39 28.07 4.15
O3' YO7 H . 5.66 29.20 3.83
C2' YO7 H . 6.62 27.95 5.62
O2' YO7 H . 6.94 29.17 6.28
O4' YO7 H . 4.97 26.37 5.05
C1' YO7 H . 5.35 27.28 6.11
N9 YO7 H . 5.58 26.41 7.30
C4 YO7 H . 4.83 26.35 8.40
N3 YO7 H . 3.75 27.04 8.79
C2 YO7 H . 3.21 26.72 9.99
N2 YO7 H . 2.10 27.41 10.38
C8 YO7 H . 6.53 25.48 7.39
N7 YO7 H . 6.44 24.83 8.57
C5 YO7 H . 5.41 25.35 9.22
C6 YO7 H . 4.81 25.04 10.50
O6 YO7 H . 5.28 24.14 11.25
N1 YO7 H . 3.73 25.76 10.81
C1 EDO I . -6.40 0.76 11.65
O1 EDO I . -5.53 1.35 10.72
C2 EDO I . -5.70 -0.27 12.47
O2 EDO I . -4.90 -1.14 11.68
O3B YO7 J . 9.38 -20.04 -13.42
PB YO7 J . 9.59 -20.78 -12.14
O2B YO7 J . 10.73 -20.23 -11.33
O1B YO7 J . 8.21 -21.03 -11.33
C11 YO7 J . 8.05 -20.84 -9.96
C21 YO7 J . 7.02 -21.80 -9.48
O21 YO7 J . 7.58 -23.12 -9.51
C31 YO7 J . 6.60 -21.53 -8.04
O31 YO7 J . 5.59 -22.45 -7.65
C41 YO7 J . 6.19 -20.09 -7.85
O41 YO7 J . 5.93 -19.80 -6.46
C51 YO7 J . 7.31 -19.20 -8.36
C61 YO7 J . 6.92 -17.71 -8.30
C71 YO7 J . 8.21 -16.87 -8.43
O71 YO7 J . 8.75 -16.54 -7.13
O6A YO7 J . 6.01 -17.46 -9.37
O51 YO7 J . 7.65 -19.48 -9.72
O3A YO7 J . 10.01 -22.28 -12.57
PA YO7 J . 9.03 -23.47 -13.05
O1A YO7 J . 8.14 -23.96 -11.96
O2A YO7 J . 8.38 -23.05 -14.36
O5' YO7 J . 10.10 -24.65 -13.30
C5' YO7 J . 11.07 -24.44 -14.31
C4' YO7 J . 11.88 -25.72 -14.41
C3' YO7 J . 11.04 -26.97 -14.68
O3' YO7 J . 11.72 -27.65 -15.71
C2' YO7 J . 11.04 -27.71 -13.38
O2' YO7 J . 10.91 -29.11 -13.52
O4' YO7 J . 12.64 -26.03 -13.21
C1' YO7 J . 12.40 -27.35 -12.76
N9 YO7 J . 12.50 -27.32 -11.29
C4 YO7 J . 13.48 -27.86 -10.55
N3 YO7 J . 14.59 -28.53 -10.91
C2 YO7 J . 15.46 -29.02 -9.99
N2 YO7 J . 16.55 -29.70 -10.44
C8 YO7 J . 11.62 -26.76 -10.44
N7 YO7 J . 12.06 -26.92 -9.18
C5 YO7 J . 13.22 -27.61 -9.23
C6 YO7 J . 14.17 -28.11 -8.21
O6 YO7 J . 14.00 -27.92 -6.96
N1 YO7 J . 15.23 -28.80 -8.66
C1 EDO K . 26.80 -8.40 4.65
O1 EDO K . 25.88 -8.28 3.55
C2 EDO K . 26.15 -8.25 5.98
O2 EDO K . 25.65 -6.94 6.26
O3B YO7 L . 29.51 -16.41 16.03
PB YO7 L . 28.12 -16.90 15.74
O2B YO7 L . 27.64 -16.67 14.33
O1B YO7 L . 28.15 -18.47 16.07
C11 YO7 L . 27.53 -19.47 15.27
C21 YO7 L . 26.91 -20.53 16.15
O21 YO7 L . 25.75 -19.93 16.72
C31 YO7 L . 26.52 -21.77 15.35
O31 YO7 L . 26.03 -22.81 16.24
C41 YO7 L . 27.72 -22.23 14.53
O41 YO7 L . 27.33 -23.33 13.73
C51 YO7 L . 28.25 -21.13 13.63
C61 YO7 L . 29.55 -21.50 12.91
C71 YO7 L . 29.86 -20.49 11.81
O71 YO7 L . 29.12 -20.92 10.67
O6A YO7 L . 30.61 -21.58 13.88
O51 YO7 L . 28.56 -20.01 14.47
O3A YO7 L . 27.01 -16.27 16.69
PA YO7 L . 26.75 -16.62 18.23
O1A YO7 L . 26.18 -17.97 18.48
O2A YO7 L . 27.96 -16.28 19.06
O5' YO7 L . 25.60 -15.50 18.50
C5' YO7 L . 25.86 -14.10 18.40
C4' YO7 L . 24.69 -13.31 18.96
C3' YO7 L . 24.27 -13.82 20.32
O3' YO7 L . 24.01 -12.73 21.21
C2' YO7 L . 23.00 -14.60 20.05
O2' YO7 L . 22.08 -14.49 21.10
O4' YO7 L . 23.55 -13.42 18.06
C1' YO7 L . 22.43 -13.88 18.83
N9 YO7 L . 21.62 -14.75 17.95
C4 YO7 L . 20.43 -14.43 17.42
N3 YO7 L . 19.67 -13.31 17.52
C2 YO7 L . 18.51 -13.26 16.84
N2 YO7 L . 17.73 -12.14 16.93
C8 YO7 L . 21.98 -15.97 17.52
N7 YO7 L . 21.01 -16.45 16.69
C5 YO7 L . 20.05 -15.48 16.63
C6 YO7 L . 18.79 -15.40 15.91
O6 YO7 L . 18.38 -16.36 15.18
N1 YO7 L . 18.07 -14.28 16.07
O3B YO7 M . -8.08 21.00 -18.63
PB YO7 M . -8.97 20.09 -19.44
O2B YO7 M . -9.61 19.03 -18.59
O1B YO7 M . -10.03 21.01 -20.27
C11 YO7 M . -11.40 20.64 -20.39
C21 YO7 M . -11.89 21.06 -21.77
O21 YO7 M . -11.33 20.19 -22.76
C31 YO7 M . -13.41 21.09 -21.86
O31 YO7 M . -13.76 21.63 -23.14
C41 YO7 M . -14.02 21.92 -20.73
O41 YO7 M . -15.44 21.83 -20.84
C51 YO7 M . -13.49 21.43 -19.37
C61 YO7 M . -13.97 22.33 -18.22
C71 YO7 M . -13.77 21.69 -16.85
O71 YO7 M . -14.81 20.77 -16.66
O6A YO7 M . -13.23 23.54 -18.18
O51 YO7 M . -12.05 21.44 -19.40
O3A YO7 M . -8.21 19.24 -20.56
PA YO7 M . -7.61 19.97 -21.89
O1A YO7 M . -8.76 20.34 -22.81
O2A YO7 M . -6.63 21.07 -21.60
O5' YO7 M . -6.75 18.82 -22.55
C5' YO7 M . -5.71 18.29 -21.76
C4' YO7 M . -5.00 17.27 -22.59
C3' YO7 M . -4.69 17.76 -24.01
O3' YO7 M . -3.35 17.45 -24.26
C2' YO7 M . -5.63 16.97 -24.89
O2' YO7 M . -5.17 16.71 -26.23
O4' YO7 M . -5.81 16.12 -22.73
C1' YO7 M . -5.85 15.68 -24.08
N9 YO7 M . -7.18 15.13 -24.31
C4 YO7 M . -7.49 13.86 -24.57
N3 YO7 M . -6.74 12.76 -24.75
C2 YO7 M . -7.33 11.58 -25.06
N2 YO7 M . -6.48 10.55 -25.23
C8 YO7 M . -8.33 15.80 -24.22
N7 YO7 M . -9.41 14.98 -24.44
C5 YO7 M . -8.90 13.76 -24.68
C6 YO7 M . -9.50 12.45 -24.99
O6 YO7 M . -10.71 12.31 -25.11
N1 YO7 M . -8.68 11.40 -25.16
C1 EDO N . -20.16 37.12 -28.58
O1 EDO N . -20.37 38.52 -28.37
C2 EDO N . -18.72 36.71 -28.68
O2 EDO N . -18.08 36.48 -27.43
C1 EDO O . -14.89 33.81 -26.46
O1 EDO O . -15.92 34.61 -27.00
C2 EDO O . -14.27 34.41 -25.25
O2 EDO O . -15.18 35.20 -24.47
O3B YO7 P . -32.00 -4.89 -12.32
PB YO7 P . -31.76 -3.82 -13.32
O2B YO7 P . -30.60 -2.93 -13.03
O1B YO7 P . -31.63 -4.50 -14.79
C11 YO7 P . -30.70 -4.06 -15.76
C21 YO7 P . -31.37 -4.10 -17.13
O21 YO7 P . -32.36 -3.08 -17.24
C31 YO7 P . -30.38 -3.98 -18.28
O31 YO7 P . -31.03 -4.25 -19.53
C41 YO7 P . -29.22 -4.94 -18.08
O41 YO7 P . -28.21 -4.64 -19.04
C51 YO7 P . -28.62 -4.85 -16.67
C61 YO7 P . -27.58 -5.92 -16.35
C71 YO7 P . -26.68 -5.45 -15.20
O71 YO7 P . -25.71 -4.53 -15.72
O6A YO7 P . -28.23 -7.16 -16.04
O51 YO7 P . -29.65 -5.03 -15.71
O3A YO7 P . -33.05 -2.93 -13.43
PA YO7 P . -34.47 -3.24 -14.19
O1A YO7 P . -34.38 -3.24 -15.68
O2A YO7 P . -35.03 -4.49 -13.49
O5' YO7 P . -35.35 -1.96 -13.72
C5' YO7 P . -35.65 -1.88 -12.35
C4' YO7 P . -36.58 -0.70 -12.13
C3' YO7 P . -37.81 -0.83 -13.01
O3' YO7 P . -38.93 -0.47 -12.22
C2' YO7 P . -37.60 0.14 -14.15
O2' YO7 P . -38.81 0.65 -14.71
O4' YO7 P . -35.97 0.53 -12.52
C1' YO7 P . -36.73 1.23 -13.52
N9 YO7 P . -35.84 1.92 -14.48
C4 YO7 P . -35.71 3.25 -14.58
N3 YO7 P . -36.28 4.31 -13.94
C2 YO7 P . -35.96 5.58 -14.25
N2 YO7 P . -36.54 6.59 -13.55
C8 YO7 P . -35.05 1.32 -15.40
N7 YO7 P . -34.41 2.28 -16.08
C5 YO7 P . -34.81 3.46 -15.58
C6 YO7 P . -34.46 4.86 -15.89
O6 YO7 P . -33.62 5.06 -16.78
N1 YO7 P . -35.04 5.88 -15.22
C1 EDO Q . -24.03 3.69 -3.96
O1 EDO Q . -23.37 4.90 -4.24
C2 EDO Q . -25.46 3.71 -4.37
O2 EDO Q . -26.22 4.70 -3.72
#